data_334D
# 
_entry.id   334D 
# 
_audit_conform.dict_name       mmcif_pdbx.dic 
_audit_conform.dict_version    5.389 
_audit_conform.dict_location   http://mmcif.pdb.org/dictionaries/ascii/mmcif_pdbx.dic 
# 
loop_
_database_2.database_id 
_database_2.database_code 
_database_2.pdbx_database_accession 
_database_2.pdbx_DOI 
PDB   334D         pdb_0000334d 10.2210/pdb334d/pdb 
RCSB  GDJ054       ?            ?                   
WWPDB D_1000178803 ?            ?                   
# 
loop_
_pdbx_audit_revision_history.ordinal 
_pdbx_audit_revision_history.data_content_type 
_pdbx_audit_revision_history.major_revision 
_pdbx_audit_revision_history.minor_revision 
_pdbx_audit_revision_history.revision_date 
1 'Structure model' 1 0 1997-08-29 
2 'Structure model' 1 1 2008-05-22 
3 'Structure model' 1 2 2011-07-13 
4 'Structure model' 1 3 2018-04-04 
5 'Structure model' 1 4 2024-02-21 
6 'Structure model' 1 5 2024-04-03 
# 
_pdbx_audit_revision_details.ordinal             1 
_pdbx_audit_revision_details.revision_ordinal    1 
_pdbx_audit_revision_details.data_content_type   'Structure model' 
_pdbx_audit_revision_details.provider            repository 
_pdbx_audit_revision_details.type                'Initial release' 
_pdbx_audit_revision_details.description         ? 
_pdbx_audit_revision_details.details             ? 
# 
loop_
_pdbx_audit_revision_group.ordinal 
_pdbx_audit_revision_group.revision_ordinal 
_pdbx_audit_revision_group.data_content_type 
_pdbx_audit_revision_group.group 
1 2 'Structure model' 'Version format compliance' 
2 3 'Structure model' 'Version format compliance' 
3 4 'Structure model' 'Data collection'           
4 5 'Structure model' 'Data collection'           
5 5 'Structure model' 'Database references'       
6 5 'Structure model' 'Derived calculations'      
7 6 'Structure model' 'Refinement description'    
# 
loop_
_pdbx_audit_revision_category.ordinal 
_pdbx_audit_revision_category.revision_ordinal 
_pdbx_audit_revision_category.data_content_type 
_pdbx_audit_revision_category.category 
1 4 'Structure model' diffrn_source                 
2 5 'Structure model' chem_comp_atom                
3 5 'Structure model' chem_comp_bond                
4 5 'Structure model' database_2                    
5 5 'Structure model' pdbx_struct_conn_angle        
6 5 'Structure model' struct_conn                   
7 5 'Structure model' struct_site                   
8 6 'Structure model' pdbx_initial_refinement_model 
# 
loop_
_pdbx_audit_revision_item.ordinal 
_pdbx_audit_revision_item.revision_ordinal 
_pdbx_audit_revision_item.data_content_type 
_pdbx_audit_revision_item.item 
1  4 'Structure model' '_diffrn_source.type'                         
2  5 'Structure model' '_database_2.pdbx_DOI'                        
3  5 'Structure model' '_database_2.pdbx_database_accession'         
4  5 'Structure model' '_pdbx_struct_conn_angle.ptnr1_auth_comp_id'  
5  5 'Structure model' '_pdbx_struct_conn_angle.ptnr1_auth_seq_id'   
6  5 'Structure model' '_pdbx_struct_conn_angle.ptnr1_label_asym_id' 
7  5 'Structure model' '_pdbx_struct_conn_angle.ptnr1_label_atom_id' 
8  5 'Structure model' '_pdbx_struct_conn_angle.ptnr1_label_comp_id' 
9  5 'Structure model' '_pdbx_struct_conn_angle.ptnr1_label_seq_id'  
10 5 'Structure model' '_pdbx_struct_conn_angle.ptnr3_auth_comp_id'  
11 5 'Structure model' '_pdbx_struct_conn_angle.ptnr3_auth_seq_id'   
12 5 'Structure model' '_pdbx_struct_conn_angle.ptnr3_label_asym_id' 
13 5 'Structure model' '_pdbx_struct_conn_angle.ptnr3_label_atom_id' 
14 5 'Structure model' '_pdbx_struct_conn_angle.ptnr3_label_comp_id' 
15 5 'Structure model' '_pdbx_struct_conn_angle.ptnr3_label_seq_id'  
16 5 'Structure model' '_pdbx_struct_conn_angle.value'               
17 5 'Structure model' '_struct_conn.pdbx_dist_value'                
18 5 'Structure model' '_struct_conn.ptnr1_auth_comp_id'             
19 5 'Structure model' '_struct_conn.ptnr1_auth_seq_id'              
20 5 'Structure model' '_struct_conn.ptnr1_label_asym_id'            
21 5 'Structure model' '_struct_conn.ptnr1_label_atom_id'            
22 5 'Structure model' '_struct_conn.ptnr1_label_comp_id'            
23 5 'Structure model' '_struct_conn.ptnr1_label_seq_id'             
24 5 'Structure model' '_struct_conn.ptnr2_auth_comp_id'             
25 5 'Structure model' '_struct_conn.ptnr2_auth_seq_id'              
26 5 'Structure model' '_struct_conn.ptnr2_label_asym_id'            
27 5 'Structure model' '_struct_conn.ptnr2_label_atom_id'            
28 5 'Structure model' '_struct_conn.ptnr2_label_comp_id'            
29 5 'Structure model' '_struct_conn.ptnr2_label_seq_id'             
30 5 'Structure model' '_struct_site.pdbx_auth_asym_id'              
31 5 'Structure model' '_struct_site.pdbx_auth_comp_id'              
32 5 'Structure model' '_struct_site.pdbx_auth_seq_id'               
# 
_pdbx_database_status.status_code                     REL 
_pdbx_database_status.entry_id                        334D 
_pdbx_database_status.recvd_initial_deposition_date   1997-05-22 
_pdbx_database_status.deposit_site                    NDB 
_pdbx_database_status.process_site                    NDB 
_pdbx_database_status.status_code_sf                  REL 
_pdbx_database_status.status_code_mr                  ? 
_pdbx_database_status.SG_entry                        ? 
_pdbx_database_status.pdb_format_compatible           Y 
_pdbx_database_status.status_code_cs                  ? 
_pdbx_database_status.methods_development_category    ? 
_pdbx_database_status.status_code_nmr_data            ? 
# 
loop_
_audit_author.name 
_audit_author.pdbx_ordinal 
'Kopka, M.L.'     1 
'Goodsell, D.S.'  2 
'Dickerson, R.E.' 3 
# 
_citation.id                        primary 
_citation.title                     
'Defining GC-specificity in the minor groove: side-by-side binding of the di-imidazole lexitropsin to C-A-T-G-G-C-C-A-T-G.' 
_citation.journal_abbrev            Structure 
_citation.journal_volume            5 
_citation.page_first                1033 
_citation.page_last                 1046 
_citation.year                      1997 
_citation.journal_id_ASTM           STRUE6 
_citation.country                   UK 
_citation.journal_id_ISSN           0969-2126 
_citation.journal_id_CSD            2005 
_citation.book_publisher            ? 
_citation.pdbx_database_id_PubMed   9309219 
_citation.pdbx_database_id_DOI      '10.1016/S0969-2126(97)00255-4' 
# 
loop_
_citation_author.citation_id 
_citation_author.name 
_citation_author.ordinal 
_citation_author.identifier_ORCID 
primary 'Kopka, M.L.'     1 ? 
primary 'Goodsell, D.S.'  2 ? 
primary 'Han, G.W.'       3 ? 
primary 'Chiu, T.K.'      4 ? 
primary 'Lown, J.W.'      5 ? 
primary 'Dickerson, R.E.' 6 ? 
# 
loop_
_entity.id 
_entity.type 
_entity.src_method 
_entity.pdbx_description 
_entity.formula_weight 
_entity.pdbx_number_of_molecules 
_entity.pdbx_ec 
_entity.pdbx_mutation 
_entity.pdbx_fragment 
_entity.details 
1 polymer     syn 
;DNA (5'-D(*CP*AP*TP*GP*GP*CP*CP*AP*TP*G)-3')
;
3045.004 2  ? ? ? ? 
2 non-polymer syn 'DIIMIDAZOLE LEXITROPSIN'                      362.367  2  ? ? ? ? 
3 non-polymer syn 'CALCIUM ION'                                  40.078   1  ? ? ? ? 
4 water       nat water                                          18.015   62 ? ? ? ? 
# 
_entity_poly.entity_id                      1 
_entity_poly.type                           polydeoxyribonucleotide 
_entity_poly.nstd_linkage                   no 
_entity_poly.nstd_monomer                   no 
_entity_poly.pdbx_seq_one_letter_code       '(DC)(DA)(DT)(DG)(DG)(DC)(DC)(DA)(DT)(DG)' 
_entity_poly.pdbx_seq_one_letter_code_can   CATGGCCATG 
_entity_poly.pdbx_strand_id                 A,B 
_entity_poly.pdbx_target_identifier         ? 
# 
loop_
_pdbx_entity_nonpoly.entity_id 
_pdbx_entity_nonpoly.name 
_pdbx_entity_nonpoly.comp_id 
2 'DIIMIDAZOLE LEXITROPSIN' DIM 
3 'CALCIUM ION'             CA  
4 water                     HOH 
# 
loop_
_entity_poly_seq.entity_id 
_entity_poly_seq.num 
_entity_poly_seq.mon_id 
_entity_poly_seq.hetero 
1 1  DC n 
1 2  DA n 
1 3  DT n 
1 4  DG n 
1 5  DG n 
1 6  DC n 
1 7  DC n 
1 8  DA n 
1 9  DT n 
1 10 DG n 
# 
loop_
_chem_comp.id 
_chem_comp.type 
_chem_comp.mon_nstd_flag 
_chem_comp.name 
_chem_comp.pdbx_synonyms 
_chem_comp.formula 
_chem_comp.formula_weight 
CA  non-polymer   . 'CALCIUM ION'                        ? 'Ca 2'            40.078  
DA  'DNA linking' y "2'-DEOXYADENOSINE-5'-MONOPHOSPHATE" ? 'C10 H14 N5 O6 P' 331.222 
DC  'DNA linking' y "2'-DEOXYCYTIDINE-5'-MONOPHOSPHATE"  ? 'C9 H14 N3 O7 P'  307.197 
DG  'DNA linking' y "2'-DEOXYGUANOSINE-5'-MONOPHOSPHATE" ? 'C10 H14 N5 O7 P' 347.221 
DIM non-polymer   . 'DIIMIDAZOLE LEXITROPSIN'            ? 'C14 H20 N9 O3 1' 362.367 
DT  'DNA linking' y "THYMIDINE-5'-MONOPHOSPHATE"         ? 'C10 H15 N2 O8 P' 322.208 
HOH non-polymer   . WATER                                ? 'H2 O'            18.015  
# 
loop_
_pdbx_poly_seq_scheme.asym_id 
_pdbx_poly_seq_scheme.entity_id 
_pdbx_poly_seq_scheme.seq_id 
_pdbx_poly_seq_scheme.mon_id 
_pdbx_poly_seq_scheme.ndb_seq_num 
_pdbx_poly_seq_scheme.pdb_seq_num 
_pdbx_poly_seq_scheme.auth_seq_num 
_pdbx_poly_seq_scheme.pdb_mon_id 
_pdbx_poly_seq_scheme.auth_mon_id 
_pdbx_poly_seq_scheme.pdb_strand_id 
_pdbx_poly_seq_scheme.pdb_ins_code 
_pdbx_poly_seq_scheme.hetero 
A 1 1  DC 1  1  1  DC C A . n 
A 1 2  DA 2  2  2  DA A A . n 
A 1 3  DT 3  3  3  DT T A . n 
A 1 4  DG 4  4  4  DG G A . n 
A 1 5  DG 5  5  5  DG G A . n 
A 1 6  DC 6  6  6  DC C A . n 
A 1 7  DC 7  7  7  DC C A . n 
A 1 8  DA 8  8  8  DA A A . n 
A 1 9  DT 9  9  9  DT T A . n 
A 1 10 DG 10 10 10 DG G A . n 
B 1 1  DC 1  11 11 DC C B . n 
B 1 2  DA 2  12 12 DA A B . n 
B 1 3  DT 3  13 13 DT T B . n 
B 1 4  DG 4  14 14 DG G B . n 
B 1 5  DG 5  15 15 DG G B . n 
B 1 6  DC 6  16 16 DC C B . n 
B 1 7  DC 7  17 17 DC C B . n 
B 1 8  DA 8  18 18 DA A B . n 
B 1 9  DT 9  19 19 DT T B . n 
B 1 10 DG 10 20 20 DG G B . n 
# 
loop_
_pdbx_nonpoly_scheme.asym_id 
_pdbx_nonpoly_scheme.entity_id 
_pdbx_nonpoly_scheme.mon_id 
_pdbx_nonpoly_scheme.ndb_seq_num 
_pdbx_nonpoly_scheme.pdb_seq_num 
_pdbx_nonpoly_scheme.auth_seq_num 
_pdbx_nonpoly_scheme.pdb_mon_id 
_pdbx_nonpoly_scheme.auth_mon_id 
_pdbx_nonpoly_scheme.pdb_strand_id 
_pdbx_nonpoly_scheme.pdb_ins_code 
C 2 DIM 1  21 21 DIM DIM A . 
D 3 CA  1  23 23 CA  OC4 A . 
E 2 DIM 1  22 22 DIM DIM B . 
F 4 HOH 1  24 24 HOH HOH A . 
F 4 HOH 2  26 26 HOH HOH A . 
F 4 HOH 3  28 28 HOH HOH A . 
F 4 HOH 4  34 34 HOH HOH A . 
F 4 HOH 5  35 35 HOH HOH A . 
F 4 HOH 6  36 36 HOH HOH A . 
F 4 HOH 7  37 37 HOH HOH A . 
F 4 HOH 8  38 38 HOH HOH A . 
F 4 HOH 9  39 39 HOH HOH A . 
F 4 HOH 10 40 40 HOH HOH A . 
F 4 HOH 11 41 41 HOH HOH A . 
F 4 HOH 12 42 42 HOH HOH A . 
F 4 HOH 13 45 45 HOH HOH A . 
F 4 HOH 14 46 46 HOH HOH A . 
F 4 HOH 15 48 48 HOH HOH A . 
F 4 HOH 16 49 49 HOH HOH A . 
F 4 HOH 17 54 54 HOH HOH A . 
F 4 HOH 18 56 56 HOH HOH A . 
F 4 HOH 19 58 58 HOH HOH A . 
F 4 HOH 20 59 59 HOH HOH A . 
F 4 HOH 21 60 60 HOH HOH A . 
F 4 HOH 22 63 63 HOH HOH A . 
F 4 HOH 23 64 64 HOH HOH A . 
F 4 HOH 24 65 65 HOH HOH A . 
F 4 HOH 25 66 66 HOH HOH A . 
F 4 HOH 26 67 67 HOH HOH A . 
F 4 HOH 27 69 69 HOH HOH A . 
F 4 HOH 28 71 71 HOH HOH A . 
F 4 HOH 29 73 73 HOH HOH A . 
F 4 HOH 30 75 75 HOH HOH A . 
F 4 HOH 31 76 76 HOH HOH A . 
F 4 HOH 32 80 80 HOH HOH A . 
F 4 HOH 33 82 23 HOH OC4 A . 
F 4 HOH 34 83 23 HOH OC4 A . 
F 4 HOH 35 84 23 HOH OC4 A . 
F 4 HOH 36 85 23 HOH OC4 A . 
G 4 HOH 1  25 25 HOH HOH B . 
G 4 HOH 2  27 27 HOH HOH B . 
G 4 HOH 3  29 29 HOH HOH B . 
G 4 HOH 4  30 30 HOH HOH B . 
G 4 HOH 5  31 31 HOH HOH B . 
G 4 HOH 6  32 32 HOH HOH B . 
G 4 HOH 7  33 33 HOH HOH B . 
G 4 HOH 8  43 43 HOH HOH B . 
G 4 HOH 9  44 44 HOH HOH B . 
G 4 HOH 10 47 47 HOH HOH B . 
G 4 HOH 11 50 50 HOH HOH B . 
G 4 HOH 12 51 51 HOH HOH B . 
G 4 HOH 13 52 52 HOH HOH B . 
G 4 HOH 14 53 53 HOH HOH B . 
G 4 HOH 15 55 55 HOH HOH B . 
G 4 HOH 16 57 57 HOH HOH B . 
G 4 HOH 17 61 61 HOH HOH B . 
G 4 HOH 18 62 62 HOH HOH B . 
G 4 HOH 19 68 68 HOH HOH B . 
G 4 HOH 20 70 70 HOH HOH B . 
G 4 HOH 21 72 72 HOH HOH B . 
G 4 HOH 22 74 74 HOH HOH B . 
G 4 HOH 23 77 77 HOH HOH B . 
G 4 HOH 24 78 78 HOH HOH B . 
G 4 HOH 25 79 79 HOH HOH B . 
G 4 HOH 26 81 81 HOH HOH B . 
# 
loop_
_software.name 
_software.classification 
_software.version 
_software.citation_id 
_software.pdbx_ordinal 
X-PLOR 'model building' . ? 1 
NUCLSQ refinement       . ? 2 
MSC    'data reduction' . ? 3 
MSC    'data scaling'   . ? 4 
X-PLOR phasing          . ? 5 
# 
_cell.entry_id           334D 
_cell.length_a           36.654 
_cell.length_b           42.643 
_cell.length_c           34.684 
_cell.angle_alpha        90.00 
_cell.angle_beta         90.00 
_cell.angle_gamma        90.00 
_cell.Z_PDB              8 
_cell.pdbx_unique_axis   ? 
# 
_symmetry.entry_id                         334D 
_symmetry.space_group_name_H-M             'P 21 21 21' 
_symmetry.pdbx_full_space_group_name_H-M   ? 
_symmetry.cell_setting                     ? 
_symmetry.Int_Tables_number                19 
# 
_exptl.entry_id          334D 
_exptl.method            'X-RAY DIFFRACTION' 
_exptl.crystals_number   1 
# 
_exptl_crystal.id                    1 
_exptl_crystal.density_meas          ? 
_exptl_crystal.density_Matthews      2.14 
_exptl_crystal.density_percent_sol   50.0000 
_exptl_crystal.description           ? 
# 
_exptl_crystal_grow.crystal_id      1 
_exptl_crystal_grow.method          'VAPOR DIFFUSION, SITTING DROP' 
_exptl_crystal_grow.temp            277.00 
_exptl_crystal_grow.temp_details    ? 
_exptl_crystal_grow.pH              7.40 
_exptl_crystal_grow.pdbx_details    'pH 7.40, VAPOR DIFFUSION, SITTING DROP, temperature 277.00K' 
_exptl_crystal_grow.pdbx_pH_range   ? 
# 
loop_
_exptl_crystal_grow_comp.crystal_id 
_exptl_crystal_grow_comp.id 
_exptl_crystal_grow_comp.sol_id 
_exptl_crystal_grow_comp.name 
_exptl_crystal_grow_comp.volume 
_exptl_crystal_grow_comp.conc 
_exptl_crystal_grow_comp.details 
1 1 1 WATER        ? ? ? 
1 2 1 MPD          ? ? ? 
1 3 1 CACL2        ? ? ? 
1 4 1 SPERMINE_HCL ? ? ? 
1 5 2 WATER        ? ? ? 
1 6 2 MPD          ? ? ? 
# 
_diffrn.id                     1 
_diffrn.ambient_temp           278.00 
_diffrn.ambient_temp_details   ? 
_diffrn.crystal_id             1 
# 
_diffrn_detector.diffrn_id              1 
_diffrn_detector.detector               'IMAGE PLATE' 
_diffrn_detector.type                   'RIGAKU RAXIS II' 
_diffrn_detector.pdbx_collection_date   1993-09-15 
_diffrn_detector.details                'MIRROR MSC-YALE' 
# 
_diffrn_radiation.diffrn_id                        1 
_diffrn_radiation.wavelength_id                    1 
_diffrn_radiation.pdbx_monochromatic_or_laue_m_l   M 
_diffrn_radiation.monochromator                    ? 
_diffrn_radiation.pdbx_diffrn_protocol             ? 
_diffrn_radiation.pdbx_scattering_type             x-ray 
# 
_diffrn_radiation_wavelength.id           1 
_diffrn_radiation_wavelength.wavelength   1.5418 
_diffrn_radiation_wavelength.wt           1.0 
# 
_diffrn_source.diffrn_id                   1 
_diffrn_source.source                      'ROTATING ANODE' 
_diffrn_source.type                        'RIGAKU RU200' 
_diffrn_source.pdbx_synchrotron_site       ? 
_diffrn_source.pdbx_synchrotron_beamline   ? 
_diffrn_source.pdbx_wavelength             1.5418 
_diffrn_source.pdbx_wavelength_list        ? 
# 
_reflns.entry_id                     334D 
_reflns.observed_criterion_sigma_I   ? 
_reflns.observed_criterion_sigma_F   ? 
_reflns.d_resolution_low             8.000 
_reflns.d_resolution_high            1.800 
_reflns.number_obs                   4895 
_reflns.number_all                   ? 
_reflns.percent_possible_obs         93.000 
_reflns.pdbx_Rmerge_I_obs            0.0374000 
_reflns.pdbx_Rsym_value              ? 
_reflns.pdbx_netI_over_sigmaI        ? 
_reflns.B_iso_Wilson_estimate        21.41 
_reflns.pdbx_redundancy              ? 
_reflns.pdbx_diffrn_id               1 
_reflns.pdbx_ordinal                 1 
# 
_reflns_shell.d_res_high             1.800 
_reflns_shell.d_res_low              1.850 
_reflns_shell.percent_possible_all   91.90 
_reflns_shell.Rmerge_I_obs           ? 
_reflns_shell.pdbx_Rsym_value        ? 
_reflns_shell.meanI_over_sigI_obs    ? 
_reflns_shell.pdbx_redundancy        ? 
_reflns_shell.pdbx_diffrn_id         ? 
_reflns_shell.pdbx_ordinal           1 
# 
_refine.entry_id                                 334D 
_refine.ls_number_reflns_obs                     4895 
_refine.ls_number_reflns_all                     ? 
_refine.pdbx_ls_sigma_I                          ? 
_refine.pdbx_ls_sigma_F                          1.000 
_refine.pdbx_data_cutoff_high_absF               ? 
_refine.pdbx_data_cutoff_low_absF                ? 
_refine.pdbx_data_cutoff_high_rms_absF           ? 
_refine.ls_d_res_low                             8.000 
_refine.ls_d_res_high                            1.800 
_refine.ls_percent_reflns_obs                    92.000 
_refine.ls_R_factor_obs                          0.2000000 
_refine.ls_R_factor_all                          ? 
_refine.ls_R_factor_R_work                       0.2000000 
_refine.ls_R_factor_R_free                       ? 
_refine.ls_R_factor_R_free_error                 ? 
_refine.ls_R_factor_R_free_error_details         ? 
_refine.ls_percent_reflns_R_free                 ? 
_refine.ls_number_reflns_R_free                  ? 
_refine.ls_number_parameters                     ? 
_refine.ls_number_restraints                     ? 
_refine.occupancy_min                            ? 
_refine.occupancy_max                            ? 
_refine.B_iso_mean                               ? 
_refine.aniso_B[1][1]                            ? 
_refine.aniso_B[2][2]                            ? 
_refine.aniso_B[3][3]                            ? 
_refine.aniso_B[1][2]                            ? 
_refine.aniso_B[1][3]                            ? 
_refine.aniso_B[2][3]                            ? 
_refine.solvent_model_details                    ? 
_refine.solvent_model_param_ksol                 ? 
_refine.solvent_model_param_bsol                 ? 
_refine.pdbx_ls_cross_valid_method               ? 
_refine.details                                  ? 
_refine.pdbx_starting_model                      'AN IDEAL HELIX RMS FIT TO BDJ057' 
_refine.pdbx_method_to_determine_struct          'MOLECULAR REPLACEMENT' 
_refine.pdbx_isotropic_thermal_model             ? 
_refine.pdbx_stereochemistry_target_values       ? 
_refine.pdbx_stereochem_target_val_spec_case     ? 
_refine.pdbx_R_Free_selection_details            ? 
_refine.pdbx_overall_ESU_R                       ? 
_refine.pdbx_overall_ESU_R_Free                  ? 
_refine.overall_SU_ML                            ? 
_refine.overall_SU_B                             ? 
_refine.pdbx_refine_id                           'X-RAY DIFFRACTION' 
_refine.pdbx_diffrn_id                           1 
_refine.pdbx_TLS_residual_ADP_flag               ? 
_refine.correlation_coeff_Fo_to_Fc               ? 
_refine.correlation_coeff_Fo_to_Fc_free          ? 
_refine.pdbx_solvent_vdw_probe_radii             ? 
_refine.pdbx_solvent_ion_probe_radii             ? 
_refine.pdbx_solvent_shrinkage_radii             ? 
_refine.pdbx_overall_phase_error                 ? 
_refine.overall_SU_R_Cruickshank_DPI             ? 
_refine.pdbx_overall_SU_R_free_Cruickshank_DPI   ? 
_refine.pdbx_overall_SU_R_Blow_DPI               ? 
_refine.pdbx_overall_SU_R_free_Blow_DPI          ? 
# 
_refine_hist.pdbx_refine_id                   'X-RAY DIFFRACTION' 
_refine_hist.cycle_id                         LAST 
_refine_hist.pdbx_number_atoms_protein        0 
_refine_hist.pdbx_number_atoms_nucleic_acid   404 
_refine_hist.pdbx_number_atoms_ligand         57 
_refine_hist.number_atoms_solvent             58 
_refine_hist.number_atoms_total               519 
_refine_hist.d_res_high                       1.800 
_refine_hist.d_res_low                        8.000 
# 
loop_
_refine_ls_restr.type 
_refine_ls_restr.dev_ideal 
_refine_ls_restr.dev_ideal_target 
_refine_ls_restr.weight 
_refine_ls_restr.number 
_refine_ls_restr.pdbx_refine_id 
_refine_ls_restr.pdbx_restraint_function 
n_bond_d               ?     ?     ? ? 'X-RAY DIFFRACTION' ? 
n_angle_d              ?     ?     ? ? 'X-RAY DIFFRACTION' ? 
n_planar_d             ?     ?     ? ? 'X-RAY DIFFRACTION' ? 
n_hb_or_metal_coord    ?     ?     ? ? 'X-RAY DIFFRACTION' ? 
n_sugar_bond_it        4.026 6.000 ? ? 'X-RAY DIFFRACTION' ? 
n_sugar_angle_it       4.664 6.000 ? ? 'X-RAY DIFFRACTION' ? 
n_phos_bond_it         4.858 6.000 ? ? 'X-RAY DIFFRACTION' ? 
n_phos_angle_it        4.654 6.000 ? ? 'X-RAY DIFFRACTION' ? 
n_bond_angle_restr     ?     ?     ? ? 'X-RAY DIFFRACTION' ? 
n_dihedral_angle_restr ?     ?     ? ? 'X-RAY DIFFRACTION' ? 
n_impr_tor             ?     ?     ? ? 'X-RAY DIFFRACTION' ? 
n_sugar_bond_d         0.026 0.030 ? ? 'X-RAY DIFFRACTION' ? 
n_sugar_bond_angle_d   0.039 0.027 ? ? 'X-RAY DIFFRACTION' ? 
n_phos_bond_d          0.050 0.040 ? ? 'X-RAY DIFFRACTION' ? 
n_phos_bond_angle_d    0.069 0.050 ? ? 'X-RAY DIFFRACTION' ? 
n_plane_restr          0.016 0.020 ? ? 'X-RAY DIFFRACTION' ? 
n_chiral_restr         0.146 0.150 ? ? 'X-RAY DIFFRACTION' ? 
n_singtor_nbd          0.085 0.100 ? ? 'X-RAY DIFFRACTION' ? 
n_multtor_nbd          0.104 0.100 ? ? 'X-RAY DIFFRACTION' ? 
n_xhyhbond_nbd         ?     ?     ? ? 'X-RAY DIFFRACTION' ? 
# 
_struct.entry_id                  334D 
_struct.title                     
'DEFINING GC-SPECIFICITY IN THE MINOR GROOVE: SIDE-BY-SIDE BINDING OF THE DI-IMIDAZOLE LEXITROPSIN TO C-A-T-G-G-C-C-A-T-G' 
_struct.pdbx_model_details        ? 
_struct.pdbx_CASP_flag            ? 
_struct.pdbx_model_type_details   ? 
# 
_struct_keywords.entry_id        334D 
_struct_keywords.pdbx_keywords   DNA 
_struct_keywords.text            'B-DNA, DOUBLE HELIX, DNA' 
# 
loop_
_struct_asym.id 
_struct_asym.pdbx_blank_PDB_chainid_flag 
_struct_asym.pdbx_modified 
_struct_asym.entity_id 
_struct_asym.details 
A N N 1 ? 
B N N 1 ? 
C N N 2 ? 
D N N 3 ? 
E N N 2 ? 
F N N 4 ? 
G N N 4 ? 
# 
_struct_ref.id                         1 
_struct_ref.entity_id                  1 
_struct_ref.db_name                    PDB 
_struct_ref.db_code                    334D 
_struct_ref.pdbx_db_accession          334D 
_struct_ref.pdbx_db_isoform            ? 
_struct_ref.pdbx_seq_one_letter_code   ? 
_struct_ref.pdbx_align_begin           ? 
# 
loop_
_struct_ref_seq.align_id 
_struct_ref_seq.ref_id 
_struct_ref_seq.pdbx_PDB_id_code 
_struct_ref_seq.pdbx_strand_id 
_struct_ref_seq.seq_align_beg 
_struct_ref_seq.pdbx_seq_align_beg_ins_code 
_struct_ref_seq.seq_align_end 
_struct_ref_seq.pdbx_seq_align_end_ins_code 
_struct_ref_seq.pdbx_db_accession 
_struct_ref_seq.db_align_beg 
_struct_ref_seq.pdbx_db_align_beg_ins_code 
_struct_ref_seq.db_align_end 
_struct_ref_seq.pdbx_db_align_end_ins_code 
_struct_ref_seq.pdbx_auth_seq_align_beg 
_struct_ref_seq.pdbx_auth_seq_align_end 
1 1 334D A 1 ? 10 ? 334D 1  ? 10 ? 1  10 
2 1 334D B 1 ? 10 ? 334D 11 ? 20 ? 11 20 
# 
_pdbx_struct_assembly.id                   1 
_pdbx_struct_assembly.details              author_defined_assembly 
_pdbx_struct_assembly.method_details       ? 
_pdbx_struct_assembly.oligomeric_details   dimeric 
_pdbx_struct_assembly.oligomeric_count     2 
# 
_pdbx_struct_assembly_gen.assembly_id       1 
_pdbx_struct_assembly_gen.oper_expression   1 
_pdbx_struct_assembly_gen.asym_id_list      A,B,C,D,E,F,G 
# 
_pdbx_struct_oper_list.id                   1 
_pdbx_struct_oper_list.type                 'identity operation' 
_pdbx_struct_oper_list.name                 1_555 
_pdbx_struct_oper_list.symmetry_operation   x,y,z 
_pdbx_struct_oper_list.matrix[1][1]         1.0000000000 
_pdbx_struct_oper_list.matrix[1][2]         0.0000000000 
_pdbx_struct_oper_list.matrix[1][3]         0.0000000000 
_pdbx_struct_oper_list.vector[1]            0.0000000000 
_pdbx_struct_oper_list.matrix[2][1]         0.0000000000 
_pdbx_struct_oper_list.matrix[2][2]         1.0000000000 
_pdbx_struct_oper_list.matrix[2][3]         0.0000000000 
_pdbx_struct_oper_list.vector[2]            0.0000000000 
_pdbx_struct_oper_list.matrix[3][1]         0.0000000000 
_pdbx_struct_oper_list.matrix[3][2]         0.0000000000 
_pdbx_struct_oper_list.matrix[3][3]         1.0000000000 
_pdbx_struct_oper_list.vector[3]            0.0000000000 
# 
_struct_biol.id   1 
# 
loop_
_struct_conn.id 
_struct_conn.conn_type_id 
_struct_conn.pdbx_leaving_atom_flag 
_struct_conn.pdbx_PDB_id 
_struct_conn.ptnr1_label_asym_id 
_struct_conn.ptnr1_label_comp_id 
_struct_conn.ptnr1_label_seq_id 
_struct_conn.ptnr1_label_atom_id 
_struct_conn.pdbx_ptnr1_label_alt_id 
_struct_conn.pdbx_ptnr1_PDB_ins_code 
_struct_conn.pdbx_ptnr1_standard_comp_id 
_struct_conn.ptnr1_symmetry 
_struct_conn.ptnr2_label_asym_id 
_struct_conn.ptnr2_label_comp_id 
_struct_conn.ptnr2_label_seq_id 
_struct_conn.ptnr2_label_atom_id 
_struct_conn.pdbx_ptnr2_label_alt_id 
_struct_conn.pdbx_ptnr2_PDB_ins_code 
_struct_conn.ptnr1_auth_asym_id 
_struct_conn.ptnr1_auth_comp_id 
_struct_conn.ptnr1_auth_seq_id 
_struct_conn.ptnr2_auth_asym_id 
_struct_conn.ptnr2_auth_comp_id 
_struct_conn.ptnr2_auth_seq_id 
_struct_conn.ptnr2_symmetry 
_struct_conn.pdbx_ptnr3_label_atom_id 
_struct_conn.pdbx_ptnr3_label_seq_id 
_struct_conn.pdbx_ptnr3_label_comp_id 
_struct_conn.pdbx_ptnr3_label_asym_id 
_struct_conn.pdbx_ptnr3_label_alt_id 
_struct_conn.pdbx_ptnr3_PDB_ins_code 
_struct_conn.details 
_struct_conn.pdbx_dist_value 
_struct_conn.pdbx_value_order 
_struct_conn.pdbx_role 
metalc1  metalc ? ? A DA 8  OP2 ? ? ? 1_555 D CA  .  CA  ? ? A DA 8  A CA  23 1_555 ? ? ? ? ? ? ?            2.917 ? ? 
metalc2  metalc ? ? D CA .  CA  ? ? ? 1_555 F HOH .  O   ? ? A CA 23 A HOH 82 1_555 ? ? ? ? ? ? ?            2.594 ? ? 
metalc3  metalc ? ? D CA .  CA  ? ? ? 1_555 F HOH .  O   ? ? A CA 23 A HOH 83 1_555 ? ? ? ? ? ? ?            2.553 ? ? 
metalc4  metalc ? ? D CA .  CA  ? ? ? 1_555 F HOH .  O   ? ? A CA 23 A HOH 84 1_555 ? ? ? ? ? ? ?            2.524 ? ? 
metalc5  metalc ? ? D CA .  CA  ? ? ? 1_555 F HOH .  O   ? ? A CA 23 A HOH 85 1_555 ? ? ? ? ? ? ?            2.479 ? ? 
metalc6  metalc ? ? D CA .  CA  ? ? ? 1_555 B DG  4  OP1 ? ? A CA 23 B DG  14 4_556 ? ? ? ? ? ? ?            2.342 ? ? 
hydrog1  hydrog ? ? A DC 1  N3  ? ? ? 1_555 B DG  10 N1  ? ? A DC 1  B DG  20 1_555 ? ? ? ? ? ? WATSON-CRICK ?     ? ? 
hydrog2  hydrog ? ? A DC 1  N4  ? ? ? 1_555 B DG  10 O6  ? ? A DC 1  B DG  20 1_555 ? ? ? ? ? ? WATSON-CRICK ?     ? ? 
hydrog3  hydrog ? ? A DC 1  O2  ? ? ? 1_555 B DG  10 N2  ? ? A DC 1  B DG  20 1_555 ? ? ? ? ? ? WATSON-CRICK ?     ? ? 
hydrog4  hydrog ? ? A DA 2  N1  ? ? ? 1_555 B DT  9  N3  ? ? A DA 2  B DT  19 1_555 ? ? ? ? ? ? WATSON-CRICK ?     ? ? 
hydrog5  hydrog ? ? A DA 2  N6  ? ? ? 1_555 B DT  9  O4  ? ? A DA 2  B DT  19 1_555 ? ? ? ? ? ? WATSON-CRICK ?     ? ? 
hydrog6  hydrog ? ? A DT 3  N3  ? ? ? 1_555 B DA  8  N1  ? ? A DT 3  B DA  18 1_555 ? ? ? ? ? ? WATSON-CRICK ?     ? ? 
hydrog7  hydrog ? ? A DT 3  O4  ? ? ? 1_555 B DA  8  N6  ? ? A DT 3  B DA  18 1_555 ? ? ? ? ? ? WATSON-CRICK ?     ? ? 
hydrog8  hydrog ? ? A DG 4  N1  ? ? ? 1_555 B DC  7  N3  ? ? A DG 4  B DC  17 1_555 ? ? ? ? ? ? WATSON-CRICK ?     ? ? 
hydrog9  hydrog ? ? A DG 4  N2  ? ? ? 1_555 B DC  7  O2  ? ? A DG 4  B DC  17 1_555 ? ? ? ? ? ? WATSON-CRICK ?     ? ? 
hydrog10 hydrog ? ? A DG 4  O6  ? ? ? 1_555 B DC  7  N4  ? ? A DG 4  B DC  17 1_555 ? ? ? ? ? ? WATSON-CRICK ?     ? ? 
hydrog11 hydrog ? ? A DG 5  N1  ? ? ? 1_555 B DC  6  N3  ? ? A DG 5  B DC  16 1_555 ? ? ? ? ? ? WATSON-CRICK ?     ? ? 
hydrog12 hydrog ? ? A DG 5  N2  ? ? ? 1_555 B DC  6  O2  ? ? A DG 5  B DC  16 1_555 ? ? ? ? ? ? WATSON-CRICK ?     ? ? 
hydrog13 hydrog ? ? A DG 5  O6  ? ? ? 1_555 B DC  6  N4  ? ? A DG 5  B DC  16 1_555 ? ? ? ? ? ? WATSON-CRICK ?     ? ? 
hydrog14 hydrog ? ? A DC 6  N3  ? ? ? 1_555 B DG  5  N1  ? ? A DC 6  B DG  15 1_555 ? ? ? ? ? ? WATSON-CRICK ?     ? ? 
hydrog15 hydrog ? ? A DC 6  N4  ? ? ? 1_555 B DG  5  O6  ? ? A DC 6  B DG  15 1_555 ? ? ? ? ? ? WATSON-CRICK ?     ? ? 
hydrog16 hydrog ? ? A DC 6  O2  ? ? ? 1_555 B DG  5  N2  ? ? A DC 6  B DG  15 1_555 ? ? ? ? ? ? WATSON-CRICK ?     ? ? 
hydrog17 hydrog ? ? A DC 7  N3  ? ? ? 1_555 B DG  4  N1  ? ? A DC 7  B DG  14 1_555 ? ? ? ? ? ? WATSON-CRICK ?     ? ? 
hydrog18 hydrog ? ? A DC 7  N4  ? ? ? 1_555 B DG  4  O6  ? ? A DC 7  B DG  14 1_555 ? ? ? ? ? ? WATSON-CRICK ?     ? ? 
hydrog19 hydrog ? ? A DC 7  O2  ? ? ? 1_555 B DG  4  N2  ? ? A DC 7  B DG  14 1_555 ? ? ? ? ? ? WATSON-CRICK ?     ? ? 
hydrog20 hydrog ? ? A DA 8  N1  ? ? ? 1_555 B DT  3  N3  ? ? A DA 8  B DT  13 1_555 ? ? ? ? ? ? WATSON-CRICK ?     ? ? 
hydrog21 hydrog ? ? A DA 8  N6  ? ? ? 1_555 B DT  3  O4  ? ? A DA 8  B DT  13 1_555 ? ? ? ? ? ? WATSON-CRICK ?     ? ? 
hydrog22 hydrog ? ? A DT 9  N3  ? ? ? 1_555 B DA  2  N1  ? ? A DT 9  B DA  12 1_555 ? ? ? ? ? ? WATSON-CRICK ?     ? ? 
hydrog23 hydrog ? ? A DT 9  O4  ? ? ? 1_555 B DA  2  N6  ? ? A DT 9  B DA  12 1_555 ? ? ? ? ? ? WATSON-CRICK ?     ? ? 
hydrog24 hydrog ? ? A DG 10 N1  ? ? ? 1_555 B DC  1  N3  ? ? A DG 10 B DC  11 1_555 ? ? ? ? ? ? WATSON-CRICK ?     ? ? 
hydrog25 hydrog ? ? A DG 10 N2  ? ? ? 1_555 B DC  1  O2  ? ? A DG 10 B DC  11 1_555 ? ? ? ? ? ? WATSON-CRICK ?     ? ? 
hydrog26 hydrog ? ? A DG 10 O6  ? ? ? 1_555 B DC  1  N4  ? ? A DG 10 B DC  11 1_555 ? ? ? ? ? ? WATSON-CRICK ?     ? ? 
# 
loop_
_struct_conn_type.id 
_struct_conn_type.criteria 
_struct_conn_type.reference 
metalc ? ? 
hydrog ? ? 
# 
loop_
_pdbx_struct_conn_angle.id 
_pdbx_struct_conn_angle.ptnr1_label_atom_id 
_pdbx_struct_conn_angle.ptnr1_label_alt_id 
_pdbx_struct_conn_angle.ptnr1_label_asym_id 
_pdbx_struct_conn_angle.ptnr1_label_comp_id 
_pdbx_struct_conn_angle.ptnr1_label_seq_id 
_pdbx_struct_conn_angle.ptnr1_auth_atom_id 
_pdbx_struct_conn_angle.ptnr1_auth_asym_id 
_pdbx_struct_conn_angle.ptnr1_auth_comp_id 
_pdbx_struct_conn_angle.ptnr1_auth_seq_id 
_pdbx_struct_conn_angle.ptnr1_PDB_ins_code 
_pdbx_struct_conn_angle.ptnr1_symmetry 
_pdbx_struct_conn_angle.ptnr2_label_atom_id 
_pdbx_struct_conn_angle.ptnr2_label_alt_id 
_pdbx_struct_conn_angle.ptnr2_label_asym_id 
_pdbx_struct_conn_angle.ptnr2_label_comp_id 
_pdbx_struct_conn_angle.ptnr2_label_seq_id 
_pdbx_struct_conn_angle.ptnr2_auth_atom_id 
_pdbx_struct_conn_angle.ptnr2_auth_asym_id 
_pdbx_struct_conn_angle.ptnr2_auth_comp_id 
_pdbx_struct_conn_angle.ptnr2_auth_seq_id 
_pdbx_struct_conn_angle.ptnr2_PDB_ins_code 
_pdbx_struct_conn_angle.ptnr2_symmetry 
_pdbx_struct_conn_angle.ptnr3_label_atom_id 
_pdbx_struct_conn_angle.ptnr3_label_alt_id 
_pdbx_struct_conn_angle.ptnr3_label_asym_id 
_pdbx_struct_conn_angle.ptnr3_label_comp_id 
_pdbx_struct_conn_angle.ptnr3_label_seq_id 
_pdbx_struct_conn_angle.ptnr3_auth_atom_id 
_pdbx_struct_conn_angle.ptnr3_auth_asym_id 
_pdbx_struct_conn_angle.ptnr3_auth_comp_id 
_pdbx_struct_conn_angle.ptnr3_auth_seq_id 
_pdbx_struct_conn_angle.ptnr3_PDB_ins_code 
_pdbx_struct_conn_angle.ptnr3_symmetry 
_pdbx_struct_conn_angle.value 
_pdbx_struct_conn_angle.value_esd 
1  OP2 ? A DA  8 ? A DA  8  ? 1_555 CA ? D CA . ? A CA 23 ? 1_555 O   ? F HOH . ? A HOH 82 ? 1_555 80.5  ? 
2  OP2 ? A DA  8 ? A DA  8  ? 1_555 CA ? D CA . ? A CA 23 ? 1_555 O   ? F HOH . ? A HOH 83 ? 1_555 87.2  ? 
3  O   ? F HOH . ? A HOH 82 ? 1_555 CA ? D CA . ? A CA 23 ? 1_555 O   ? F HOH . ? A HOH 83 ? 1_555 68.0  ? 
4  OP2 ? A DA  8 ? A DA  8  ? 1_555 CA ? D CA . ? A CA 23 ? 1_555 O   ? F HOH . ? A HOH 84 ? 1_555 82.2  ? 
5  O   ? F HOH . ? A HOH 82 ? 1_555 CA ? D CA . ? A CA 23 ? 1_555 O   ? F HOH . ? A HOH 84 ? 1_555 79.0  ? 
6  O   ? F HOH . ? A HOH 83 ? 1_555 CA ? D CA . ? A CA 23 ? 1_555 O   ? F HOH . ? A HOH 84 ? 1_555 146.6 ? 
7  OP2 ? A DA  8 ? A DA  8  ? 1_555 CA ? D CA . ? A CA 23 ? 1_555 O   ? F HOH . ? A HOH 85 ? 1_555 85.3  ? 
8  O   ? F HOH . ? A HOH 82 ? 1_555 CA ? D CA . ? A CA 23 ? 1_555 O   ? F HOH . ? A HOH 85 ? 1_555 165.8 ? 
9  O   ? F HOH . ? A HOH 83 ? 1_555 CA ? D CA . ? A CA 23 ? 1_555 O   ? F HOH . ? A HOH 85 ? 1_555 111.1 ? 
10 O   ? F HOH . ? A HOH 84 ? 1_555 CA ? D CA . ? A CA 23 ? 1_555 O   ? F HOH . ? A HOH 85 ? 1_555 99.6  ? 
11 OP2 ? A DA  8 ? A DA  8  ? 1_555 CA ? D CA . ? A CA 23 ? 1_555 OP1 ? B DG  4 ? B DG  14 ? 4_556 175.3 ? 
12 O   ? F HOH . ? A HOH 82 ? 1_555 CA ? D CA . ? A CA 23 ? 1_555 OP1 ? B DG  4 ? B DG  14 ? 4_556 104.1 ? 
13 O   ? F HOH . ? A HOH 83 ? 1_555 CA ? D CA . ? A CA 23 ? 1_555 OP1 ? B DG  4 ? B DG  14 ? 4_556 93.6  ? 
14 O   ? F HOH . ? A HOH 84 ? 1_555 CA ? D CA . ? A CA 23 ? 1_555 OP1 ? B DG  4 ? B DG  14 ? 4_556 99.4  ? 
15 O   ? F HOH . ? A HOH 85 ? 1_555 CA ? D CA . ? A CA 23 ? 1_555 OP1 ? B DG  4 ? B DG  14 ? 4_556 90.2  ? 
# 
loop_
_struct_site.id 
_struct_site.pdbx_evidence_code 
_struct_site.pdbx_auth_asym_id 
_struct_site.pdbx_auth_comp_id 
_struct_site.pdbx_auth_seq_id 
_struct_site.pdbx_auth_ins_code 
_struct_site.pdbx_num_residues 
_struct_site.details 
AC1 Software A DIM 21 ? 12 'BINDING SITE FOR RESIDUE DIM A 21' 
AC2 Software B DIM 22 ? 9  'BINDING SITE FOR RESIDUE DIM B 22' 
AC3 Software A CA  23 ? 6  'BINDING SITE FOR RESIDUE CA A 23'  
1   ?        ? ?   ?  ? ?  ?                                   
# 
loop_
_struct_site_gen.id 
_struct_site_gen.site_id 
_struct_site_gen.pdbx_num_res 
_struct_site_gen.label_comp_id 
_struct_site_gen.label_asym_id 
_struct_site_gen.label_seq_id 
_struct_site_gen.pdbx_auth_ins_code 
_struct_site_gen.auth_comp_id 
_struct_site_gen.auth_asym_id 
_struct_site_gen.auth_seq_id 
_struct_site_gen.label_atom_id 
_struct_site_gen.label_alt_id 
_struct_site_gen.symmetry 
_struct_site_gen.details 
1  AC1 12 DC  A 1  ? DC  A 1  . ? 1_556 ? 
2  AC1 12 DC  A 7  ? DC  A 7  . ? 1_555 ? 
3  AC1 12 DC  A 7  ? DC  A 7  . ? 4_456 ? 
4  AC1 12 DA  A 8  ? DA  A 8  . ? 1_555 ? 
5  AC1 12 DT  A 9  ? DT  A 9  . ? 1_555 ? 
6  AC1 12 DG  A 10 ? DG  A 10 . ? 1_555 ? 
7  AC1 12 HOH F .  ? HOH A 46 . ? 1_555 ? 
8  AC1 12 HOH F .  ? HOH A 75 . ? 1_555 ? 
9  AC1 12 DA  B 2  ? DA  B 12 . ? 1_555 ? 
10 AC1 12 DT  B 3  ? DT  B 13 . ? 1_555 ? 
11 AC1 12 DG  B 4  ? DG  B 14 . ? 1_555 ? 
12 AC1 12 DIM E .  ? DIM B 22 . ? 1_555 ? 
13 AC2 9  DG  A 4  ? DG  A 4  . ? 1_555 ? 
14 AC2 9  DG  A 5  ? DG  A 5  . ? 1_555 ? 
15 AC2 9  DIM C .  ? DIM A 21 . ? 1_555 ? 
16 AC2 9  HOH F .  ? HOH A 46 . ? 1_555 ? 
17 AC2 9  DG  B 4  ? DG  B 14 . ? 1_555 ? 
18 AC2 9  DG  B 5  ? DG  B 15 . ? 1_555 ? 
19 AC2 9  DC  B 6  ? DC  B 16 . ? 1_555 ? 
20 AC2 9  DC  B 7  ? DC  B 17 . ? 1_555 ? 
21 AC2 9  DA  B 8  ? DA  B 18 . ? 1_555 ? 
22 AC3 6  DA  A 8  ? DA  A 8  . ? 1_555 ? 
23 AC3 6  HOH F .  ? HOH A 82 . ? 1_555 ? 
24 AC3 6  HOH F .  ? HOH A 83 . ? 1_555 ? 
25 AC3 6  HOH F .  ? HOH A 84 . ? 1_555 ? 
26 AC3 6  HOH F .  ? HOH A 85 . ? 1_555 ? 
27 AC3 6  DG  B 4  ? DG  B 14 . ? 4_556 ? 
# 
loop_
_pdbx_validate_rmsd_bond.id 
_pdbx_validate_rmsd_bond.PDB_model_num 
_pdbx_validate_rmsd_bond.auth_atom_id_1 
_pdbx_validate_rmsd_bond.auth_asym_id_1 
_pdbx_validate_rmsd_bond.auth_comp_id_1 
_pdbx_validate_rmsd_bond.auth_seq_id_1 
_pdbx_validate_rmsd_bond.PDB_ins_code_1 
_pdbx_validate_rmsd_bond.label_alt_id_1 
_pdbx_validate_rmsd_bond.auth_atom_id_2 
_pdbx_validate_rmsd_bond.auth_asym_id_2 
_pdbx_validate_rmsd_bond.auth_comp_id_2 
_pdbx_validate_rmsd_bond.auth_seq_id_2 
_pdbx_validate_rmsd_bond.PDB_ins_code_2 
_pdbx_validate_rmsd_bond.label_alt_id_2 
_pdbx_validate_rmsd_bond.bond_value 
_pdbx_validate_rmsd_bond.bond_target_value 
_pdbx_validate_rmsd_bond.bond_deviation 
_pdbx_validate_rmsd_bond.bond_standard_deviation 
_pdbx_validate_rmsd_bond.linker_flag 
1  1 "O4'" A DC 1  ? ? "C1'" A DC 1  ? ? 1.493 1.420 0.073  0.011 N 
2  1 "O4'" A DC 1  ? ? "C4'" A DC 1  ? ? 1.364 1.446 -0.082 0.010 N 
3  1 P     A DA 2  ? ? "O5'" A DA 2  ? ? 1.666 1.593 0.073  0.010 N 
4  1 "O4'" A DT 3  ? ? "C4'" A DT 3  ? ? 1.343 1.446 -0.103 0.010 N 
5  1 N3    A DT 3  ? ? C4    A DT 3  ? ? 1.331 1.382 -0.051 0.008 N 
6  1 C5    A DT 3  ? ? C6    A DT 3  ? ? 1.268 1.339 -0.071 0.007 N 
7  1 C6    A DT 3  ? ? N1    A DT 3  ? ? 1.331 1.378 -0.047 0.007 N 
8  1 C4    A DT 3  ? ? O4    A DT 3  ? ? 1.294 1.228 0.066  0.009 N 
9  1 "O4'" A DG 4  ? ? "C1'" A DG 4  ? ? 1.491 1.420 0.071  0.011 N 
10 1 N1    A DG 5  ? ? C2    A DG 5  ? ? 1.320 1.373 -0.053 0.008 N 
11 1 C2    A DG 5  ? ? N3    A DG 5  ? ? 1.377 1.323 0.054  0.008 N 
12 1 "O4'" A DC 6  ? ? "C4'" A DC 6  ? ? 1.370 1.446 -0.076 0.010 N 
13 1 N3    A DC 6  ? ? C4    A DC 6  ? ? 1.388 1.335 0.053  0.007 N 
14 1 C2    A DC 7  ? ? N3    A DC 7  ? ? 1.403 1.353 0.050  0.008 N 
15 1 N1    A DA 8  ? ? C2    A DA 8  ? ? 1.409 1.339 0.070  0.009 N 
16 1 C6    A DA 8  ? ? N6    A DA 8  ? ? 1.278 1.335 -0.057 0.008 N 
17 1 P     A DT 9  ? ? "O5'" A DT 9  ? ? 1.697 1.593 0.104  0.010 N 
18 1 C4    A DT 9  ? ? O4    A DT 9  ? ? 1.294 1.228 0.066  0.009 N 
19 1 "O4'" B DA 12 ? ? "C1'" B DA 12 ? ? 1.492 1.420 0.072  0.011 N 
20 1 "O4'" B DA 12 ? ? "C4'" B DA 12 ? ? 1.335 1.446 -0.111 0.010 N 
21 1 P     B DT 13 ? ? "O5'" B DT 13 ? ? 1.671 1.593 0.078  0.010 N 
22 1 P     B DG 14 ? ? "O5'" B DG 14 ? ? 1.509 1.593 -0.084 0.010 N 
23 1 "C2'" B DG 14 ? ? "C1'" B DG 14 ? ? 1.446 1.518 -0.072 0.010 N 
24 1 "O4'" B DG 14 ? ? "C4'" B DG 14 ? ? 1.377 1.446 -0.069 0.010 N 
25 1 C2    B DG 14 ? ? N3    B DG 14 ? ? 1.373 1.323 0.050  0.008 N 
26 1 N7    B DG 15 ? ? C8    B DG 15 ? ? 1.240 1.305 -0.065 0.006 N 
27 1 "C5'" B DC 17 ? ? "C4'" B DC 17 ? ? 1.555 1.512 0.043  0.007 N 
28 1 "O4'" B DC 17 ? ? "C1'" B DC 17 ? ? 1.486 1.420 0.066  0.011 N 
29 1 C2    B DC 17 ? ? N3    B DC 17 ? ? 1.408 1.353 0.055  0.008 N 
30 1 "O4'" B DA 18 ? ? "C1'" B DA 18 ? ? 1.508 1.420 0.088  0.011 N 
31 1 N3    B DA 18 ? ? C4    B DA 18 ? ? 1.304 1.344 -0.040 0.006 N 
32 1 "O4'" B DT 19 ? ? "C4'" B DT 19 ? ? 1.308 1.446 -0.138 0.010 N 
33 1 C6    B DG 20 ? ? N1    B DG 20 ? ? 1.328 1.391 -0.063 0.007 N 
34 1 N7    B DG 20 ? ? C8    B DG 20 ? ? 1.242 1.305 -0.063 0.006 N 
# 
loop_
_pdbx_validate_rmsd_angle.id 
_pdbx_validate_rmsd_angle.PDB_model_num 
_pdbx_validate_rmsd_angle.auth_atom_id_1 
_pdbx_validate_rmsd_angle.auth_asym_id_1 
_pdbx_validate_rmsd_angle.auth_comp_id_1 
_pdbx_validate_rmsd_angle.auth_seq_id_1 
_pdbx_validate_rmsd_angle.PDB_ins_code_1 
_pdbx_validate_rmsd_angle.label_alt_id_1 
_pdbx_validate_rmsd_angle.auth_atom_id_2 
_pdbx_validate_rmsd_angle.auth_asym_id_2 
_pdbx_validate_rmsd_angle.auth_comp_id_2 
_pdbx_validate_rmsd_angle.auth_seq_id_2 
_pdbx_validate_rmsd_angle.PDB_ins_code_2 
_pdbx_validate_rmsd_angle.label_alt_id_2 
_pdbx_validate_rmsd_angle.auth_atom_id_3 
_pdbx_validate_rmsd_angle.auth_asym_id_3 
_pdbx_validate_rmsd_angle.auth_comp_id_3 
_pdbx_validate_rmsd_angle.auth_seq_id_3 
_pdbx_validate_rmsd_angle.PDB_ins_code_3 
_pdbx_validate_rmsd_angle.label_alt_id_3 
_pdbx_validate_rmsd_angle.angle_value 
_pdbx_validate_rmsd_angle.angle_target_value 
_pdbx_validate_rmsd_angle.angle_deviation 
_pdbx_validate_rmsd_angle.angle_standard_deviation 
_pdbx_validate_rmsd_angle.linker_flag 
1  1 "O5'" A DC 1  ? ? "C5'" A DC 1  ? ? "C4'" A DC 1  ? ? 104.27 109.40 -5.13  0.80 N 
2  1 N1    A DC 1  ? ? C2    A DC 1  ? ? N3    A DC 1  ? ? 114.35 119.20 -4.85  0.70 N 
3  1 C2    A DC 1  ? ? N3    A DC 1  ? ? C4    A DC 1  ? ? 125.39 119.90 5.49   0.50 N 
4  1 C5    A DC 1  ? ? C6    A DC 1  ? ? N1    A DC 1  ? ? 124.86 121.00 3.86   0.50 N 
5  1 N3    A DC 1  ? ? C4    A DC 1  ? ? N4    A DC 1  ? ? 122.84 118.00 4.84   0.70 N 
6  1 OP1   A DA 2  ? ? P     A DA 2  ? ? OP2   A DA 2  ? ? 135.06 119.60 15.46  1.50 N 
7  1 "O5'" A DA 2  ? ? P     A DA 2  ? ? OP2   A DA 2  ? ? 99.22  105.70 -6.48  0.90 N 
8  1 "O4'" A DA 2  ? ? "C1'" A DA 2  ? ? N9    A DA 2  ? ? 100.93 108.00 -7.07  0.70 N 
9  1 C6    A DA 2  ? ? N1    A DA 2  ? ? C2    A DA 2  ? ? 122.24 118.60 3.64   0.60 N 
10 1 C5    A DA 2  ? ? C6    A DA 2  ? ? N1    A DA 2  ? ? 112.93 117.70 -4.77  0.50 N 
11 1 N1    A DA 2  ? ? C6    A DA 2  ? ? N6    A DA 2  ? ? 124.66 118.60 6.06   0.60 N 
12 1 C2    A DT 3  ? ? N3    A DT 3  ? ? C4    A DT 3  ? ? 120.22 127.20 -6.98  0.60 N 
13 1 N3    A DT 3  ? ? C4    A DT 3  ? ? C5    A DT 3  ? ? 120.81 115.20 5.61   0.60 N 
14 1 N3    A DT 3  ? ? C2    A DT 3  ? ? O2    A DT 3  ? ? 117.27 122.30 -5.03  0.60 N 
15 1 N3    A DT 3  ? ? C4    A DT 3  ? ? O4    A DT 3  ? ? 110.63 119.90 -9.27  0.60 N 
16 1 "C3'" A DT 3  ? ? "O3'" A DT 3  ? ? P     A DG 4  ? ? 130.42 119.70 10.72  1.20 Y 
17 1 "O5'" A DG 4  ? ? P     A DG 4  ? ? OP1   A DG 4  ? ? 120.99 110.70 10.29  1.20 N 
18 1 "C5'" A DG 4  ? ? "C4'" A DG 4  ? ? "O4'" A DG 4  ? ? 122.17 109.80 12.37  1.10 N 
19 1 "O4'" A DG 4  ? ? "C1'" A DG 4  ? ? N9    A DG 4  ? ? 102.50 108.00 -5.50  0.70 N 
20 1 C5    A DG 4  ? ? C6    A DG 4  ? ? O6    A DG 4  ? ? 124.01 128.60 -4.59  0.60 N 
21 1 "O5'" A DG 5  ? ? "C5'" A DG 5  ? ? "C4'" A DG 5  ? ? 100.48 109.40 -8.92  0.80 N 
22 1 "C3'" A DG 5  ? ? "C2'" A DG 5  ? ? "C1'" A DG 5  ? ? 94.49  102.40 -7.91  0.80 N 
23 1 "O4'" A DG 5  ? ? "C1'" A DG 5  ? ? N9    A DG 5  ? ? 114.86 108.30 6.56   0.30 N 
24 1 C2    A DG 5  ? ? N3    A DG 5  ? ? C4    A DG 5  ? ? 108.82 111.90 -3.08  0.50 N 
25 1 "C3'" A DG 5  ? ? "O3'" A DG 5  ? ? P     A DC 6  ? ? 129.27 119.70 9.57   1.20 Y 
26 1 "O5'" A DC 6  ? ? P     A DC 6  ? ? OP2   A DC 6  ? ? 118.74 110.70 8.04   1.20 N 
27 1 "O5'" A DC 6  ? ? "C5'" A DC 6  ? ? "C4'" A DC 6  ? ? 101.40 109.40 -8.00  0.80 N 
28 1 "O5'" A DC 7  ? ? "C5'" A DC 7  ? ? "C4'" A DC 7  ? ? 102.85 109.40 -6.55  0.80 N 
29 1 N3    A DC 7  ? ? C4    A DC 7  ? ? N4    A DC 7  ? ? 126.45 118.00 8.45   0.70 N 
30 1 C5    A DC 7  ? ? C4    A DC 7  ? ? N4    A DC 7  ? ? 113.23 120.20 -6.97  0.70 N 
31 1 "C3'" A DC 7  ? ? "O3'" A DC 7  ? ? P     A DA 8  ? ? 135.26 119.70 15.56  1.20 Y 
32 1 "O5'" A DA 8  ? ? P     A DA 8  ? ? OP2   A DA 8  ? ? 93.53  105.70 -12.17 0.90 N 
33 1 "C5'" A DA 8  ? ? "C4'" A DA 8  ? ? "O4'" A DA 8  ? ? 117.31 109.80 7.51   1.10 N 
34 1 C6    A DA 8  ? ? N1    A DA 8  ? ? C2    A DA 8  ? ? 123.01 118.60 4.41   0.60 N 
35 1 N1    A DA 8  ? ? C2    A DA 8  ? ? N3    A DA 8  ? ? 124.47 129.30 -4.83  0.50 N 
36 1 C5    A DA 8  ? ? C6    A DA 8  ? ? N1    A DA 8  ? ? 114.66 117.70 -3.04  0.50 N 
37 1 "O5'" A DT 9  ? ? P     A DT 9  ? ? OP2   A DT 9  ? ? 100.07 105.70 -5.63  0.90 N 
38 1 "O4'" A DT 9  ? ? "C4'" A DT 9  ? ? "C3'" A DT 9  ? ? 101.51 104.50 -2.99  0.40 N 
39 1 "O4'" A DG 10 ? ? "C1'" A DG 10 ? ? N9    A DG 10 ? ? 110.64 108.30 2.34   0.30 N 
40 1 C6    A DG 10 ? ? N1    A DG 10 ? ? C2    A DG 10 ? ? 121.24 125.10 -3.86  0.60 N 
41 1 C5    A DG 10 ? ? C6    A DG 10 ? ? N1    A DG 10 ? ? 117.07 111.50 5.57   0.50 N 
42 1 C5    A DG 10 ? ? C6    A DG 10 ? ? O6    A DG 10 ? ? 123.53 128.60 -5.07  0.60 N 
43 1 "C4'" B DC 11 ? ? "C3'" B DC 11 ? ? "C2'" B DC 11 ? ? 97.95  102.20 -4.25  0.70 N 
44 1 "O4'" B DA 12 ? ? "C1'" B DA 12 ? ? N9    B DA 12 ? ? 97.28  108.00 -10.72 0.70 N 
45 1 C6    B DA 12 ? ? N1    B DA 12 ? ? C2    B DA 12 ? ? 122.39 118.60 3.79   0.60 N 
46 1 C2    B DA 12 ? ? N3    B DA 12 ? ? C4    B DA 12 ? ? 107.24 110.60 -3.36  0.50 N 
47 1 C5    B DA 12 ? ? C6    B DA 12 ? ? N1    B DA 12 ? ? 113.57 117.70 -4.13  0.50 N 
48 1 N1    B DA 12 ? ? C6    B DA 12 ? ? N6    B DA 12 ? ? 123.66 118.60 5.06   0.60 N 
49 1 C2    B DT 13 ? ? N3    B DT 13 ? ? C4    B DT 13 ? ? 122.05 127.20 -5.15  0.60 N 
50 1 N3    B DT 13 ? ? C4    B DT 13 ? ? C5    B DT 13 ? ? 119.88 115.20 4.68   0.60 N 
51 1 N3    B DT 13 ? ? C2    B DT 13 ? ? O2    B DT 13 ? ? 115.97 122.30 -6.33  0.60 N 
52 1 N3    B DT 13 ? ? C4    B DT 13 ? ? O4    B DT 13 ? ? 113.65 119.90 -6.25  0.60 N 
53 1 "C3'" B DT 13 ? ? "O3'" B DT 13 ? ? P     B DG 14 ? ? 133.72 119.70 14.02  1.20 Y 
54 1 "O3'" B DT 13 ? ? P     B DG 14 ? ? OP1   B DG 14 ? ? 91.11  105.20 -14.09 2.20 Y 
55 1 OP1   B DG 14 ? ? P     B DG 14 ? ? OP2   B DG 14 ? ? 109.83 119.60 -9.77  1.50 N 
56 1 "O5'" B DG 14 ? ? P     B DG 14 ? ? OP2   B DG 14 ? ? 124.18 110.70 13.48  1.20 N 
57 1 "O4'" B DG 14 ? ? "C1'" B DG 14 ? ? N9    B DG 14 ? ? 99.34  108.00 -8.66  0.70 N 
58 1 C6    B DG 14 ? ? N1    B DG 14 ? ? C2    B DG 14 ? ? 119.13 125.10 -5.97  0.60 N 
59 1 C5    B DG 14 ? ? C6    B DG 14 ? ? N1    B DG 14 ? ? 116.98 111.50 5.48   0.50 N 
60 1 C5    B DG 14 ? ? C6    B DG 14 ? ? O6    B DG 14 ? ? 122.17 128.60 -6.43  0.60 N 
61 1 "O4'" B DG 15 ? ? "C1'" B DG 15 ? ? N9    B DG 15 ? ? 101.31 108.00 -6.69  0.70 N 
62 1 N3    B DG 15 ? ? C2    B DG 15 ? ? N2    B DG 15 ? ? 114.34 119.90 -5.56  0.70 N 
63 1 N1    B DG 15 ? ? C6    B DG 15 ? ? O6    B DG 15 ? ? 124.01 119.90 4.11   0.60 N 
64 1 C5    B DG 15 ? ? C6    B DG 15 ? ? O6    B DG 15 ? ? 122.92 128.60 -5.68  0.60 N 
65 1 "C3'" B DG 15 ? ? "O3'" B DG 15 ? ? P     B DC 16 ? ? 129.93 119.70 10.23  1.20 Y 
66 1 C6    B DC 16 ? ? N1    B DC 16 ? ? C2    B DC 16 ? ? 123.45 120.30 3.15   0.40 N 
67 1 P     B DC 17 ? ? "O5'" B DC 17 ? ? "C5'" B DC 17 ? ? 133.24 120.90 12.34  1.60 N 
68 1 "O4'" B DC 17 ? ? "C4'" B DC 17 ? ? "C3'" B DC 17 ? ? 102.07 104.50 -2.43  0.40 N 
69 1 "C5'" B DC 17 ? ? "C4'" B DC 17 ? ? "O4'" B DC 17 ? ? 116.96 109.80 7.16   1.10 N 
70 1 "C4'" B DC 17 ? ? "C3'" B DC 17 ? ? "C2'" B DC 17 ? ? 109.10 103.10 6.00   0.90 N 
71 1 "C3'" B DC 17 ? ? "C2'" B DC 17 ? ? "C1'" B DC 17 ? ? 97.35  102.40 -5.05  0.80 N 
72 1 C5    B DC 17 ? ? C6    B DC 17 ? ? N1    B DC 17 ? ? 126.89 121.00 5.89   0.50 N 
73 1 C6    B DC 17 ? ? N1    B DC 17 ? ? "C1'" B DC 17 ? ? 130.17 120.80 9.37   1.20 N 
74 1 C2    B DC 17 ? ? N1    B DC 17 ? ? "C1'" B DC 17 ? ? 110.66 118.80 -8.14  1.10 N 
75 1 C6    B DA 18 ? ? N1    B DA 18 ? ? C2    B DA 18 ? ? 124.53 118.60 5.93   0.60 N 
76 1 N1    B DA 18 ? ? C2    B DA 18 ? ? N3    B DA 18 ? ? 124.14 129.30 -5.16  0.50 N 
77 1 C5    B DA 18 ? ? C6    B DA 18 ? ? N1    B DA 18 ? ? 112.73 117.70 -4.97  0.50 N 
78 1 "C3'" B DA 18 ? ? "O3'" B DA 18 ? ? P     B DT 19 ? ? 129.24 119.70 9.54   1.20 Y 
79 1 "O4'" B DT 19 ? ? "C1'" B DT 19 ? ? N1    B DT 19 ? ? 103.32 108.00 -4.68  0.70 N 
80 1 N1    B DT 19 ? ? C2    B DT 19 ? ? N3    B DT 19 ? ? 120.29 114.60 5.69   0.60 N 
81 1 C2    B DT 19 ? ? N3    B DT 19 ? ? C4    B DT 19 ? ? 119.03 127.20 -8.17  0.60 N 
82 1 N3    B DT 19 ? ? C4    B DT 19 ? ? C5    B DT 19 ? ? 120.01 115.20 4.81   0.60 N 
83 1 N3    B DT 19 ? ? C2    B DT 19 ? ? O2    B DT 19 ? ? 118.66 122.30 -3.64  0.60 N 
84 1 N3    B DT 19 ? ? C4    B DT 19 ? ? O4    B DT 19 ? ? 114.89 119.90 -5.01  0.60 N 
85 1 C6    B DT 19 ? ? C5    B DT 19 ? ? C7    B DT 19 ? ? 117.94 122.90 -4.96  0.60 N 
86 1 "O3'" B DT 19 ? ? P     B DG 20 ? ? OP2   B DG 20 ? ? 120.95 110.50 10.45  1.10 Y 
87 1 "O4'" B DG 20 ? ? "C1'" B DG 20 ? ? N9    B DG 20 ? ? 111.32 108.30 3.02   0.30 N 
88 1 N3    B DG 20 ? ? C2    B DG 20 ? ? N2    B DG 20 ? ? 115.20 119.90 -4.70  0.70 N 
89 1 N1    B DG 20 ? ? C6    B DG 20 ? ? O6    B DG 20 ? ? 126.07 119.90 6.17   0.60 N 
90 1 C5    B DG 20 ? ? C6    B DG 20 ? ? O6    B DG 20 ? ? 119.63 128.60 -8.97  0.60 N 
# 
_struct_site_keywords.site_id   1 
_struct_site_keywords.text      'MINOR GROOVE BINDER' 
# 
loop_
_refine_B_iso.class 
_refine_B_iso.details 
_refine_B_iso.treatment 
_refine_B_iso.pdbx_refine_id 
'ALL ATOMS'  TR isotropic 'X-RAY DIFFRACTION' 
'ALL WATERS' TR isotropic 'X-RAY DIFFRACTION' 
# 
loop_
_refine_occupancy.class 
_refine_occupancy.treatment 
_refine_occupancy.pdbx_refine_id 
'ALL ATOMS'  fix 'X-RAY DIFFRACTION' 
'ALL WATERS' fix 'X-RAY DIFFRACTION' 
# 
loop_
_chem_comp_atom.comp_id 
_chem_comp_atom.atom_id 
_chem_comp_atom.type_symbol 
_chem_comp_atom.pdbx_aromatic_flag 
_chem_comp_atom.pdbx_stereo_config 
_chem_comp_atom.pdbx_ordinal 
CA  CA     CA N N 1   
DA  OP3    O  N N 2   
DA  P      P  N N 3   
DA  OP1    O  N N 4   
DA  OP2    O  N N 5   
DA  "O5'"  O  N N 6   
DA  "C5'"  C  N N 7   
DA  "C4'"  C  N R 8   
DA  "O4'"  O  N N 9   
DA  "C3'"  C  N S 10  
DA  "O3'"  O  N N 11  
DA  "C2'"  C  N N 12  
DA  "C1'"  C  N R 13  
DA  N9     N  Y N 14  
DA  C8     C  Y N 15  
DA  N7     N  Y N 16  
DA  C5     C  Y N 17  
DA  C6     C  Y N 18  
DA  N6     N  N N 19  
DA  N1     N  Y N 20  
DA  C2     C  Y N 21  
DA  N3     N  Y N 22  
DA  C4     C  Y N 23  
DA  HOP3   H  N N 24  
DA  HOP2   H  N N 25  
DA  "H5'"  H  N N 26  
DA  "H5''" H  N N 27  
DA  "H4'"  H  N N 28  
DA  "H3'"  H  N N 29  
DA  "HO3'" H  N N 30  
DA  "H2'"  H  N N 31  
DA  "H2''" H  N N 32  
DA  "H1'"  H  N N 33  
DA  H8     H  N N 34  
DA  H61    H  N N 35  
DA  H62    H  N N 36  
DA  H2     H  N N 37  
DC  OP3    O  N N 38  
DC  P      P  N N 39  
DC  OP1    O  N N 40  
DC  OP2    O  N N 41  
DC  "O5'"  O  N N 42  
DC  "C5'"  C  N N 43  
DC  "C4'"  C  N R 44  
DC  "O4'"  O  N N 45  
DC  "C3'"  C  N S 46  
DC  "O3'"  O  N N 47  
DC  "C2'"  C  N N 48  
DC  "C1'"  C  N R 49  
DC  N1     N  N N 50  
DC  C2     C  N N 51  
DC  O2     O  N N 52  
DC  N3     N  N N 53  
DC  C4     C  N N 54  
DC  N4     N  N N 55  
DC  C5     C  N N 56  
DC  C6     C  N N 57  
DC  HOP3   H  N N 58  
DC  HOP2   H  N N 59  
DC  "H5'"  H  N N 60  
DC  "H5''" H  N N 61  
DC  "H4'"  H  N N 62  
DC  "H3'"  H  N N 63  
DC  "HO3'" H  N N 64  
DC  "H2'"  H  N N 65  
DC  "H2''" H  N N 66  
DC  "H1'"  H  N N 67  
DC  H41    H  N N 68  
DC  H42    H  N N 69  
DC  H5     H  N N 70  
DC  H6     H  N N 71  
DG  OP3    O  N N 72  
DG  P      P  N N 73  
DG  OP1    O  N N 74  
DG  OP2    O  N N 75  
DG  "O5'"  O  N N 76  
DG  "C5'"  C  N N 77  
DG  "C4'"  C  N R 78  
DG  "O4'"  O  N N 79  
DG  "C3'"  C  N S 80  
DG  "O3'"  O  N N 81  
DG  "C2'"  C  N N 82  
DG  "C1'"  C  N R 83  
DG  N9     N  Y N 84  
DG  C8     C  Y N 85  
DG  N7     N  Y N 86  
DG  C5     C  Y N 87  
DG  C6     C  N N 88  
DG  O6     O  N N 89  
DG  N1     N  N N 90  
DG  C2     C  N N 91  
DG  N2     N  N N 92  
DG  N3     N  N N 93  
DG  C4     C  Y N 94  
DG  HOP3   H  N N 95  
DG  HOP2   H  N N 96  
DG  "H5'"  H  N N 97  
DG  "H5''" H  N N 98  
DG  "H4'"  H  N N 99  
DG  "H3'"  H  N N 100 
DG  "HO3'" H  N N 101 
DG  "H2'"  H  N N 102 
DG  "H2''" H  N N 103 
DG  "H1'"  H  N N 104 
DG  H8     H  N N 105 
DG  H1     H  N N 106 
DG  H21    H  N N 107 
DG  H22    H  N N 108 
DIM O1     O  N N 109 
DIM C1     C  N N 110 
DIM N1     N  N N 111 
DIM C2     C  Y N 112 
DIM N2     N  Y N 113 
DIM C3     C  Y N 114 
DIM N3     N  Y N 115 
DIM C4     C  Y N 116 
DIM C5     C  N N 117 
DIM C6     C  N N 118 
DIM O2     O  N N 119 
DIM N4     N  N N 120 
DIM C7     C  Y N 121 
DIM N5     N  Y N 122 
DIM C8     C  Y N 123 
DIM N6     N  Y N 124 
DIM C9     C  Y N 125 
DIM C10    C  N N 126 
DIM C11    C  N N 127 
DIM O3     O  N N 128 
DIM N7     N  N N 129 
DIM C12    C  N N 130 
DIM C13    C  N N 131 
DIM C14    C  N N 132 
DIM N9     N  N N 133 
DIM N8     N  N N 134 
DIM H1     H  N N 135 
DIM HN1    H  N N 136 
DIM H4     H  N N 137 
DIM H51    H  N N 138 
DIM H52    H  N N 139 
DIM H53    H  N N 140 
DIM HN4    H  N N 141 
DIM H9     H  N N 142 
DIM H101   H  N N 143 
DIM H102   H  N N 144 
DIM H103   H  N N 145 
DIM HN7    H  N N 146 
DIM H121   H  N N 147 
DIM H122   H  N N 148 
DIM H131   H  N N 149 
DIM H132   H  N N 150 
DIM HN91   H  N N 151 
DIM HN92   H  N N 152 
DIM HN81   H  N N 153 
DIM HN82   H  N N 154 
DT  OP3    O  N N 155 
DT  P      P  N N 156 
DT  OP1    O  N N 157 
DT  OP2    O  N N 158 
DT  "O5'"  O  N N 159 
DT  "C5'"  C  N N 160 
DT  "C4'"  C  N R 161 
DT  "O4'"  O  N N 162 
DT  "C3'"  C  N S 163 
DT  "O3'"  O  N N 164 
DT  "C2'"  C  N N 165 
DT  "C1'"  C  N R 166 
DT  N1     N  N N 167 
DT  C2     C  N N 168 
DT  O2     O  N N 169 
DT  N3     N  N N 170 
DT  C4     C  N N 171 
DT  O4     O  N N 172 
DT  C5     C  N N 173 
DT  C7     C  N N 174 
DT  C6     C  N N 175 
DT  HOP3   H  N N 176 
DT  HOP2   H  N N 177 
DT  "H5'"  H  N N 178 
DT  "H5''" H  N N 179 
DT  "H4'"  H  N N 180 
DT  "H3'"  H  N N 181 
DT  "HO3'" H  N N 182 
DT  "H2'"  H  N N 183 
DT  "H2''" H  N N 184 
DT  "H1'"  H  N N 185 
DT  H3     H  N N 186 
DT  H71    H  N N 187 
DT  H72    H  N N 188 
DT  H73    H  N N 189 
DT  H6     H  N N 190 
HOH O      O  N N 191 
HOH H1     H  N N 192 
HOH H2     H  N N 193 
# 
loop_
_chem_comp_bond.comp_id 
_chem_comp_bond.atom_id_1 
_chem_comp_bond.atom_id_2 
_chem_comp_bond.value_order 
_chem_comp_bond.pdbx_aromatic_flag 
_chem_comp_bond.pdbx_stereo_config 
_chem_comp_bond.pdbx_ordinal 
DA  OP3   P      sing N N 1   
DA  OP3   HOP3   sing N N 2   
DA  P     OP1    doub N N 3   
DA  P     OP2    sing N N 4   
DA  P     "O5'"  sing N N 5   
DA  OP2   HOP2   sing N N 6   
DA  "O5'" "C5'"  sing N N 7   
DA  "C5'" "C4'"  sing N N 8   
DA  "C5'" "H5'"  sing N N 9   
DA  "C5'" "H5''" sing N N 10  
DA  "C4'" "O4'"  sing N N 11  
DA  "C4'" "C3'"  sing N N 12  
DA  "C4'" "H4'"  sing N N 13  
DA  "O4'" "C1'"  sing N N 14  
DA  "C3'" "O3'"  sing N N 15  
DA  "C3'" "C2'"  sing N N 16  
DA  "C3'" "H3'"  sing N N 17  
DA  "O3'" "HO3'" sing N N 18  
DA  "C2'" "C1'"  sing N N 19  
DA  "C2'" "H2'"  sing N N 20  
DA  "C2'" "H2''" sing N N 21  
DA  "C1'" N9     sing N N 22  
DA  "C1'" "H1'"  sing N N 23  
DA  N9    C8     sing Y N 24  
DA  N9    C4     sing Y N 25  
DA  C8    N7     doub Y N 26  
DA  C8    H8     sing N N 27  
DA  N7    C5     sing Y N 28  
DA  C5    C6     sing Y N 29  
DA  C5    C4     doub Y N 30  
DA  C6    N6     sing N N 31  
DA  C6    N1     doub Y N 32  
DA  N6    H61    sing N N 33  
DA  N6    H62    sing N N 34  
DA  N1    C2     sing Y N 35  
DA  C2    N3     doub Y N 36  
DA  C2    H2     sing N N 37  
DA  N3    C4     sing Y N 38  
DC  OP3   P      sing N N 39  
DC  OP3   HOP3   sing N N 40  
DC  P     OP1    doub N N 41  
DC  P     OP2    sing N N 42  
DC  P     "O5'"  sing N N 43  
DC  OP2   HOP2   sing N N 44  
DC  "O5'" "C5'"  sing N N 45  
DC  "C5'" "C4'"  sing N N 46  
DC  "C5'" "H5'"  sing N N 47  
DC  "C5'" "H5''" sing N N 48  
DC  "C4'" "O4'"  sing N N 49  
DC  "C4'" "C3'"  sing N N 50  
DC  "C4'" "H4'"  sing N N 51  
DC  "O4'" "C1'"  sing N N 52  
DC  "C3'" "O3'"  sing N N 53  
DC  "C3'" "C2'"  sing N N 54  
DC  "C3'" "H3'"  sing N N 55  
DC  "O3'" "HO3'" sing N N 56  
DC  "C2'" "C1'"  sing N N 57  
DC  "C2'" "H2'"  sing N N 58  
DC  "C2'" "H2''" sing N N 59  
DC  "C1'" N1     sing N N 60  
DC  "C1'" "H1'"  sing N N 61  
DC  N1    C2     sing N N 62  
DC  N1    C6     sing N N 63  
DC  C2    O2     doub N N 64  
DC  C2    N3     sing N N 65  
DC  N3    C4     doub N N 66  
DC  C4    N4     sing N N 67  
DC  C4    C5     sing N N 68  
DC  N4    H41    sing N N 69  
DC  N4    H42    sing N N 70  
DC  C5    C6     doub N N 71  
DC  C5    H5     sing N N 72  
DC  C6    H6     sing N N 73  
DG  OP3   P      sing N N 74  
DG  OP3   HOP3   sing N N 75  
DG  P     OP1    doub N N 76  
DG  P     OP2    sing N N 77  
DG  P     "O5'"  sing N N 78  
DG  OP2   HOP2   sing N N 79  
DG  "O5'" "C5'"  sing N N 80  
DG  "C5'" "C4'"  sing N N 81  
DG  "C5'" "H5'"  sing N N 82  
DG  "C5'" "H5''" sing N N 83  
DG  "C4'" "O4'"  sing N N 84  
DG  "C4'" "C3'"  sing N N 85  
DG  "C4'" "H4'"  sing N N 86  
DG  "O4'" "C1'"  sing N N 87  
DG  "C3'" "O3'"  sing N N 88  
DG  "C3'" "C2'"  sing N N 89  
DG  "C3'" "H3'"  sing N N 90  
DG  "O3'" "HO3'" sing N N 91  
DG  "C2'" "C1'"  sing N N 92  
DG  "C2'" "H2'"  sing N N 93  
DG  "C2'" "H2''" sing N N 94  
DG  "C1'" N9     sing N N 95  
DG  "C1'" "H1'"  sing N N 96  
DG  N9    C8     sing Y N 97  
DG  N9    C4     sing Y N 98  
DG  C8    N7     doub Y N 99  
DG  C8    H8     sing N N 100 
DG  N7    C5     sing Y N 101 
DG  C5    C6     sing N N 102 
DG  C5    C4     doub Y N 103 
DG  C6    O6     doub N N 104 
DG  C6    N1     sing N N 105 
DG  N1    C2     sing N N 106 
DG  N1    H1     sing N N 107 
DG  C2    N2     sing N N 108 
DG  C2    N3     doub N N 109 
DG  N2    H21    sing N N 110 
DG  N2    H22    sing N N 111 
DG  N3    C4     sing N N 112 
DIM O1    C1     doub N N 113 
DIM C1    N1     sing N N 114 
DIM C1    H1     sing N N 115 
DIM N1    C2     sing N N 116 
DIM N1    HN1    sing N N 117 
DIM C2    N2     sing Y N 118 
DIM C2    C4     doub Y N 119 
DIM N2    C3     doub Y N 120 
DIM C3    N3     sing Y N 121 
DIM C3    C6     sing N N 122 
DIM N3    C4     sing Y N 123 
DIM N3    C5     sing N N 124 
DIM C4    H4     sing N N 125 
DIM C5    H51    sing N N 126 
DIM C5    H52    sing N N 127 
DIM C5    H53    sing N N 128 
DIM C6    O2     doub N N 129 
DIM C6    N4     sing N N 130 
DIM N4    C7     sing N N 131 
DIM N4    HN4    sing N N 132 
DIM C7    N5     sing Y N 133 
DIM C7    C9     doub Y N 134 
DIM N5    C8     doub Y N 135 
DIM C8    N6     sing Y N 136 
DIM C8    C11    sing N N 137 
DIM N6    C9     sing Y N 138 
DIM N6    C10    sing N N 139 
DIM C9    H9     sing N N 140 
DIM C10   H101   sing N N 141 
DIM C10   H102   sing N N 142 
DIM C10   H103   sing N N 143 
DIM C11   O3     doub N N 144 
DIM C11   N7     sing N N 145 
DIM N7    C12    sing N N 146 
DIM N7    HN7    sing N N 147 
DIM C12   C13    sing N N 148 
DIM C12   H121   sing N N 149 
DIM C12   H122   sing N N 150 
DIM C13   C14    sing N N 151 
DIM C13   H131   sing N N 152 
DIM C13   H132   sing N N 153 
DIM C14   N9     doub N N 154 
DIM C14   N8     sing N N 155 
DIM N9    HN91   sing N N 156 
DIM N9    HN92   sing N N 157 
DIM N8    HN81   sing N N 158 
DIM N8    HN82   sing N N 159 
DT  OP3   P      sing N N 160 
DT  OP3   HOP3   sing N N 161 
DT  P     OP1    doub N N 162 
DT  P     OP2    sing N N 163 
DT  P     "O5'"  sing N N 164 
DT  OP2   HOP2   sing N N 165 
DT  "O5'" "C5'"  sing N N 166 
DT  "C5'" "C4'"  sing N N 167 
DT  "C5'" "H5'"  sing N N 168 
DT  "C5'" "H5''" sing N N 169 
DT  "C4'" "O4'"  sing N N 170 
DT  "C4'" "C3'"  sing N N 171 
DT  "C4'" "H4'"  sing N N 172 
DT  "O4'" "C1'"  sing N N 173 
DT  "C3'" "O3'"  sing N N 174 
DT  "C3'" "C2'"  sing N N 175 
DT  "C3'" "H3'"  sing N N 176 
DT  "O3'" "HO3'" sing N N 177 
DT  "C2'" "C1'"  sing N N 178 
DT  "C2'" "H2'"  sing N N 179 
DT  "C2'" "H2''" sing N N 180 
DT  "C1'" N1     sing N N 181 
DT  "C1'" "H1'"  sing N N 182 
DT  N1    C2     sing N N 183 
DT  N1    C6     sing N N 184 
DT  C2    O2     doub N N 185 
DT  C2    N3     sing N N 186 
DT  N3    C4     sing N N 187 
DT  N3    H3     sing N N 188 
DT  C4    O4     doub N N 189 
DT  C4    C5     sing N N 190 
DT  C5    C7     sing N N 191 
DT  C5    C6     doub N N 192 
DT  C7    H71    sing N N 193 
DT  C7    H72    sing N N 194 
DT  C7    H73    sing N N 195 
DT  C6    H6     sing N N 196 
HOH O     H1     sing N N 197 
HOH O     H2     sing N N 198 
# 
_ndb_struct_conf_na.entry_id   334D 
_ndb_struct_conf_na.feature    'b-form double helix' 
# 
loop_
_ndb_struct_na_base_pair.model_number 
_ndb_struct_na_base_pair.i_label_asym_id 
_ndb_struct_na_base_pair.i_label_comp_id 
_ndb_struct_na_base_pair.i_label_seq_id 
_ndb_struct_na_base_pair.i_symmetry 
_ndb_struct_na_base_pair.j_label_asym_id 
_ndb_struct_na_base_pair.j_label_comp_id 
_ndb_struct_na_base_pair.j_label_seq_id 
_ndb_struct_na_base_pair.j_symmetry 
_ndb_struct_na_base_pair.shear 
_ndb_struct_na_base_pair.stretch 
_ndb_struct_na_base_pair.stagger 
_ndb_struct_na_base_pair.buckle 
_ndb_struct_na_base_pair.propeller 
_ndb_struct_na_base_pair.opening 
_ndb_struct_na_base_pair.pair_number 
_ndb_struct_na_base_pair.pair_name 
_ndb_struct_na_base_pair.i_auth_asym_id 
_ndb_struct_na_base_pair.i_auth_seq_id 
_ndb_struct_na_base_pair.i_PDB_ins_code 
_ndb_struct_na_base_pair.j_auth_asym_id 
_ndb_struct_na_base_pair.j_auth_seq_id 
_ndb_struct_na_base_pair.j_PDB_ins_code 
_ndb_struct_na_base_pair.hbond_type_28 
_ndb_struct_na_base_pair.hbond_type_12 
1 A DC 1  1_555 B DG 10 1_555 0.276  -0.231 0.071  -8.809 -6.621  -3.594 1  A_DC1:DG20_B  A 1  ? B 20 ? 19 1 
1 A DA 2  1_555 B DT 9  1_555 -0.036 -0.133 0.141  -8.484 -9.885  1.265  2  A_DA2:DT19_B  A 2  ? B 19 ? 20 1 
1 A DT 3  1_555 B DA 8  1_555 -0.350 -0.040 -0.062 0.034  -8.610  -2.805 3  A_DT3:DA18_B  A 3  ? B 18 ? 20 1 
1 A DG 4  1_555 B DC 7  1_555 -0.445 -0.038 0.121  -2.142 -11.985 0.001  4  A_DG4:DC17_B  A 4  ? B 17 ? 19 1 
1 A DG 5  1_555 B DC 6  1_555 -0.173 -0.058 0.258  3.453  -18.606 1.078  5  A_DG5:DC16_B  A 5  ? B 16 ? 19 1 
1 A DC 6  1_555 B DG 5  1_555 0.440  -0.084 -0.077 -4.922 -19.579 -0.817 6  A_DC6:DG15_B  A 6  ? B 15 ? 19 1 
1 A DC 7  1_555 B DG 4  1_555 0.048  -0.267 0.076  -4.463 -5.974  -6.062 7  A_DC7:DG14_B  A 7  ? B 14 ? 19 1 
1 A DA 8  1_555 B DT 3  1_555 -0.067 -0.018 0.114  1.481  -9.831  -2.187 8  A_DA8:DT13_B  A 8  ? B 13 ? 20 1 
1 A DT 9  1_555 B DA 2  1_555 -0.068 -0.054 -0.068 1.661  -7.486  7.736  9  A_DT9:DA12_B  A 9  ? B 12 ? 20 1 
1 A DG 10 1_555 B DC 1  1_555 0.034  -0.169 -0.030 7.369  -7.962  -1.467 10 A_DG10:DC11_B A 10 ? B 11 ? 19 1 
# 
loop_
_ndb_struct_na_base_pair_step.model_number 
_ndb_struct_na_base_pair_step.i_label_asym_id_1 
_ndb_struct_na_base_pair_step.i_label_comp_id_1 
_ndb_struct_na_base_pair_step.i_label_seq_id_1 
_ndb_struct_na_base_pair_step.i_symmetry_1 
_ndb_struct_na_base_pair_step.j_label_asym_id_1 
_ndb_struct_na_base_pair_step.j_label_comp_id_1 
_ndb_struct_na_base_pair_step.j_label_seq_id_1 
_ndb_struct_na_base_pair_step.j_symmetry_1 
_ndb_struct_na_base_pair_step.i_label_asym_id_2 
_ndb_struct_na_base_pair_step.i_label_comp_id_2 
_ndb_struct_na_base_pair_step.i_label_seq_id_2 
_ndb_struct_na_base_pair_step.i_symmetry_2 
_ndb_struct_na_base_pair_step.j_label_asym_id_2 
_ndb_struct_na_base_pair_step.j_label_comp_id_2 
_ndb_struct_na_base_pair_step.j_label_seq_id_2 
_ndb_struct_na_base_pair_step.j_symmetry_2 
_ndb_struct_na_base_pair_step.shift 
_ndb_struct_na_base_pair_step.slide 
_ndb_struct_na_base_pair_step.rise 
_ndb_struct_na_base_pair_step.tilt 
_ndb_struct_na_base_pair_step.roll 
_ndb_struct_na_base_pair_step.twist 
_ndb_struct_na_base_pair_step.x_displacement 
_ndb_struct_na_base_pair_step.y_displacement 
_ndb_struct_na_base_pair_step.helical_rise 
_ndb_struct_na_base_pair_step.inclination 
_ndb_struct_na_base_pair_step.tip 
_ndb_struct_na_base_pair_step.helical_twist 
_ndb_struct_na_base_pair_step.step_number 
_ndb_struct_na_base_pair_step.step_name 
_ndb_struct_na_base_pair_step.i_auth_asym_id_1 
_ndb_struct_na_base_pair_step.i_auth_seq_id_1 
_ndb_struct_na_base_pair_step.i_PDB_ins_code_1 
_ndb_struct_na_base_pair_step.j_auth_asym_id_1 
_ndb_struct_na_base_pair_step.j_auth_seq_id_1 
_ndb_struct_na_base_pair_step.j_PDB_ins_code_1 
_ndb_struct_na_base_pair_step.i_auth_asym_id_2 
_ndb_struct_na_base_pair_step.i_auth_seq_id_2 
_ndb_struct_na_base_pair_step.i_PDB_ins_code_2 
_ndb_struct_na_base_pair_step.j_auth_asym_id_2 
_ndb_struct_na_base_pair_step.j_auth_seq_id_2 
_ndb_struct_na_base_pair_step.j_PDB_ins_code_2 
1 A DC 1 1_555 B DG 10 1_555 A DA 2  1_555 B DT 9 1_555 -0.135 0.738  3.337 -2.140 7.567  32.170 -0.042 -0.141 3.419 13.406  3.791 
33.093 1 AA_DC1DA2:DT19DG20_BB  A 1 ? B 20 ? A 2  ? B 19 ? 
1 A DA 2 1_555 B DT 9  1_555 A DT 3  1_555 B DA 8 1_555 -0.301 -0.008 3.208 1.542  2.531  27.727 -0.607 0.985  3.174 5.262   
-3.207 27.882 2 AA_DA2DT3:DA18DT19_BB  A 2 ? B 19 ? A 3  ? B 18 ? 
1 A DT 3 1_555 B DA 8  1_555 A DG 4  1_555 B DC 7 1_555 -0.011 2.615  3.474 -0.414 -8.852 50.027 3.671  -0.016 3.001 -10.374 0.485 
50.756 3 AA_DT3DG4:DC17DA18_BB  A 3 ? B 18 ? A 4  ? B 17 ? 
1 A DG 4 1_555 B DC 7  1_555 A DG 5  1_555 B DC 6 1_555 0.617  0.588  3.246 -3.030 8.723  27.069 -0.814 -1.947 3.191 17.985  6.246 
28.573 4 AA_DG4DG5:DC16DC17_BB  A 4 ? B 17 ? A 5  ? B 16 ? 
1 A DG 5 1_555 B DC 6  1_555 A DC 6  1_555 B DG 5 1_555 -0.693 0.024  3.453 1.183  4.436  39.192 -0.515 1.174  3.414 6.586   
-1.757 39.450 5 AA_DG5DC6:DG15DC16_BB  A 5 ? B 16 ? A 6  ? B 15 ? 
1 A DC 6 1_555 B DG 5  1_555 A DC 7  1_555 B DG 4 1_555 -0.168 0.460  3.433 1.848  9.507  28.732 -1.179 0.722  3.391 18.507  
-3.596 30.288 6 AA_DC6DC7:DG14DG15_BB  A 6 ? B 15 ? A 7  ? B 14 ? 
1 A DC 7 1_555 B DG 4  1_555 A DA 8  1_555 B DT 3 1_555 0.346  2.580  3.216 -0.294 -6.238 47.172 3.668  -0.451 2.871 -7.755  0.365 
47.560 7 AA_DC7DA8:DT13DG14_BB  A 7 ? B 14 ? A 8  ? B 13 ? 
1 A DA 8 1_555 B DT 3  1_555 A DT 9  1_555 B DA 2 1_555 0.842  -0.021 3.375 1.322  1.405  28.532 -0.372 -1.393 3.405 2.847   
-2.678 28.595 8 AA_DA8DT9:DA12DT13_BB  A 8 ? B 13 ? A 9  ? B 12 ? 
1 A DT 9 1_555 B DA 2  1_555 A DG 10 1_555 B DC 1 1_555 0.094  0.238  3.285 -0.886 8.294  35.956 -0.762 -0.271 3.255 13.217  1.412 
36.879 9 AA_DT9DG10:DC11DA12_BB A 9 ? B 12 ? A 10 ? B 11 ? 
# 
_pdbx_initial_refinement_model.accession_code   ? 
_pdbx_initial_refinement_model.id               1 
_pdbx_initial_refinement_model.entity_id_list   ? 
_pdbx_initial_refinement_model.type             'in silico model' 
_pdbx_initial_refinement_model.source_name      Other 
_pdbx_initial_refinement_model.details          'AN IDEAL HELIX RMS FIT TO BDJ057' 
# 
_atom_sites.entry_id                    334D 
_atom_sites.fract_transf_matrix[1][1]   0.00514233 
_atom_sites.fract_transf_matrix[1][2]   0.01665213 
_atom_sites.fract_transf_matrix[1][3]   0.02098977 
_atom_sites.fract_transf_matrix[2][1]   -0.00688713 
_atom_sites.fract_transf_matrix[2][2]   -0.01670942 
_atom_sites.fract_transf_matrix[2][3]   0.01494363 
_atom_sites.fract_transf_matrix[3][1]   0.02701950 
_atom_sites.fract_transf_matrix[3][2]   -0.00997753 
_atom_sites.fract_transf_matrix[3][3]   0.00129606 
_atom_sites.fract_transf_vector[1]      0.441755 
_atom_sites.fract_transf_vector[2]      0.263172 
_atom_sites.fract_transf_vector[3]      0.252477 
# 
loop_
_atom_type.symbol 
C  
CA 
N  
O  
P  
# 
loop_
_atom_site.group_PDB 
_atom_site.id 
_atom_site.type_symbol 
_atom_site.label_atom_id 
_atom_site.label_alt_id 
_atom_site.label_comp_id 
_atom_site.label_asym_id 
_atom_site.label_entity_id 
_atom_site.label_seq_id 
_atom_site.pdbx_PDB_ins_code 
_atom_site.Cartn_x 
_atom_site.Cartn_y 
_atom_site.Cartn_z 
_atom_site.occupancy 
_atom_site.B_iso_or_equiv 
_atom_site.pdbx_formal_charge 
_atom_site.auth_seq_id 
_atom_site.auth_comp_id 
_atom_site.auth_asym_id 
_atom_site.auth_atom_id 
_atom_site.pdbx_PDB_model_num 
ATOM   1   O  "O5'" . DC  A 1 1  ? -18.671 1.893   -5.831  1.00 28.13 ? 1  DC  A "O5'" 1 
ATOM   2   C  "C5'" . DC  A 1 1  ? -19.156 3.286   -6.070  1.00 19.15 ? 1  DC  A "C5'" 1 
ATOM   3   C  "C4'" . DC  A 1 1  ? -17.991 3.982   -6.654  1.00 19.77 ? 1  DC  A "C4'" 1 
ATOM   4   O  "O4'" . DC  A 1 1  ? -17.332 4.751   -5.740  1.00 22.58 ? 1  DC  A "O4'" 1 
ATOM   5   C  "C3'" . DC  A 1 1  ? -16.840 3.149   -7.271  1.00 27.41 ? 1  DC  A "C3'" 1 
ATOM   6   O  "O3'" . DC  A 1 1  ? -16.284 3.821   -8.383  1.00 29.41 ? 1  DC  A "O3'" 1 
ATOM   7   C  "C2'" . DC  A 1 1  ? -15.904 2.907   -6.112  1.00 20.95 ? 1  DC  A "C2'" 1 
ATOM   8   C  "C1'" . DC  A 1 1  ? -15.963 4.264   -5.398  1.00 27.22 ? 1  DC  A "C1'" 1 
ATOM   9   N  N1    . DC  A 1 1  ? -15.885 4.216   -3.917  1.00 17.74 ? 1  DC  A N1    1 
ATOM   10  C  C2    . DC  A 1 1  ? -15.321 5.322   -3.236  1.00 15.12 ? 1  DC  A C2    1 
ATOM   11  O  O2    . DC  A 1 1  ? -14.850 6.301   -3.885  1.00 15.21 ? 1  DC  A O2    1 
ATOM   12  N  N3    . DC  A 1 1  ? -15.364 5.229   -1.889  1.00 13.41 ? 1  DC  A N3    1 
ATOM   13  C  C4    . DC  A 1 1  ? -15.857 4.177   -1.191  1.00 8.95  ? 1  DC  A C4    1 
ATOM   14  N  N4    . DC  A 1 1  ? -15.849 4.127   0.114   1.00 12.77 ? 1  DC  A N4    1 
ATOM   15  C  C5    . DC  A 1 1  ? -16.386 3.064   -1.884  1.00 11.98 ? 1  DC  A C5    1 
ATOM   16  C  C6    . DC  A 1 1  ? -16.387 3.151   -3.197  1.00 17.37 ? 1  DC  A C6    1 
ATOM   17  P  P     . DA  A 1 2  ? -15.006 3.280   -9.243  1.00 43.37 ? 2  DA  A P     1 
ATOM   18  O  OP1   . DA  A 1 2  ? -15.338 3.967   -10.528 1.00 35.01 ? 2  DA  A OP1   1 
ATOM   19  O  OP2   . DA  A 1 2  ? -14.502 1.899   -8.863  1.00 25.93 ? 2  DA  A OP2   1 
ATOM   20  O  "O5'" . DA  A 1 2  ? -13.776 4.200   -8.598  1.00 31.93 ? 2  DA  A "O5'" 1 
ATOM   21  C  "C5'" . DA  A 1 2  ? -13.791 5.546   -8.792  1.00 20.11 ? 2  DA  A "C5'" 1 
ATOM   22  C  "C4'" . DA  A 1 2  ? -12.449 6.034   -8.244  1.00 28.00 ? 2  DA  A "C4'" 1 
ATOM   23  O  "O4'" . DA  A 1 2  ? -12.460 5.977   -6.854  1.00 23.26 ? 2  DA  A "O4'" 1 
ATOM   24  C  "C3'" . DA  A 1 2  ? -11.143 5.339   -8.747  1.00 19.49 ? 2  DA  A "C3'" 1 
ATOM   25  O  "O3'" . DA  A 1 2  ? -10.322 6.433   -9.187  1.00 22.42 ? 2  DA  A "O3'" 1 
ATOM   26  C  "C2'" . DA  A 1 2  ? -10.691 4.537   -7.521  1.00 20.35 ? 2  DA  A "C2'" 1 
ATOM   27  C  "C1'" . DA  A 1 2  ? -11.214 5.430   -6.410  1.00 15.83 ? 2  DA  A "C1'" 1 
ATOM   28  N  N9    . DA  A 1 2  ? -11.636 4.708   -5.230  1.00 17.92 ? 2  DA  A N9    1 
ATOM   29  C  C8    . DA  A 1 2  ? -12.322 3.502   -5.228  1.00 20.68 ? 2  DA  A C8    1 
ATOM   30  N  N7    . DA  A 1 2  ? -12.594 3.070   -4.057  1.00 15.21 ? 2  DA  A N7    1 
ATOM   31  C  C5    . DA  A 1 2  ? -12.084 4.049   -3.210  1.00 12.87 ? 2  DA  A C5    1 
ATOM   32  C  C6    . DA  A 1 2  ? -12.075 4.129   -1.771  1.00 11.78 ? 2  DA  A C6    1 
ATOM   33  N  N6    . DA  A 1 2  ? -12.598 3.194   -1.010  1.00 12.88 ? 2  DA  A N6    1 
ATOM   34  N  N1    . DA  A 1 2  ? -11.461 5.230   -1.313  1.00 14.88 ? 2  DA  A N1    1 
ATOM   35  C  C2    . DA  A 1 2  ? -10.971 6.160   -2.128  1.00 14.35 ? 2  DA  A C2    1 
ATOM   36  N  N3    . DA  A 1 2  ? -10.933 6.170   -3.479  1.00 13.00 ? 2  DA  A N3    1 
ATOM   37  C  C4    . DA  A 1 2  ? -11.507 5.068   -3.917  1.00 13.97 ? 2  DA  A C4    1 
ATOM   38  P  P     . DT  A 1 3  ? -8.772  6.361   -9.643  1.00 20.38 ? 3  DT  A P     1 
ATOM   39  O  OP1   . DT  A 1 3  ? -8.750  7.593   -10.416 1.00 20.73 ? 3  DT  A OP1   1 
ATOM   40  O  OP2   . DT  A 1 3  ? -8.533  4.991   -10.134 1.00 21.50 ? 3  DT  A OP2   1 
ATOM   41  O  "O5'" . DT  A 1 3  ? -7.900  6.653   -8.292  1.00 22.13 ? 3  DT  A "O5'" 1 
ATOM   42  C  "C5'" . DT  A 1 3  ? -8.161  7.770   -7.438  1.00 21.43 ? 3  DT  A "C5'" 1 
ATOM   43  C  "C4'" . DT  A 1 3  ? -7.169  7.691   -6.274  1.00 20.25 ? 3  DT  A "C4'" 1 
ATOM   44  O  "O4'" . DT  A 1 3  ? -7.608  6.914   -5.270  1.00 15.32 ? 3  DT  A "O4'" 1 
ATOM   45  C  "C3'" . DT  A 1 3  ? -5.763  7.122   -6.649  1.00 20.90 ? 3  DT  A "C3'" 1 
ATOM   46  O  "O3'" . DT  A 1 3  ? -4.758  7.899   -6.006  1.00 19.22 ? 3  DT  A "O3'" 1 
ATOM   47  C  "C2'" . DT  A 1 3  ? -5.835  5.717   -6.179  1.00 12.06 ? 3  DT  A "C2'" 1 
ATOM   48  C  "C1'" . DT  A 1 3  ? -6.590  5.937   -4.930  1.00 12.46 ? 3  DT  A "C1'" 1 
ATOM   49  N  N1    . DT  A 1 3  ? -7.353  4.781   -4.392  1.00 17.77 ? 3  DT  A N1    1 
ATOM   50  C  C2    . DT  A 1 3  ? -7.551  4.886   -3.013  1.00 15.94 ? 3  DT  A C2    1 
ATOM   51  O  O2    . DT  A 1 3  ? -7.170  5.810   -2.286  1.00 12.02 ? 3  DT  A O2    1 
ATOM   52  N  N3    . DT  A 1 3  ? -8.272  3.880   -2.424  1.00 16.99 ? 3  DT  A N3    1 
ATOM   53  C  C4    . DT  A 1 3  ? -8.717  2.860   -3.154  1.00 15.60 ? 3  DT  A C4    1 
ATOM   54  O  O4    . DT  A 1 3  ? -9.376  2.025   -2.416  1.00 14.91 ? 3  DT  A O4    1 
ATOM   55  C  C5    . DT  A 1 3  ? -8.451  2.793   -4.586  1.00 9.45  ? 3  DT  A C5    1 
ATOM   56  C  C7    . DT  A 1 3  ? -9.007  1.644   -5.329  1.00 15.26 ? 3  DT  A C7    1 
ATOM   57  C  C6    . DT  A 1 3  ? -7.836  3.770   -5.111  1.00 8.73  ? 3  DT  A C6    1 
ATOM   58  P  P     . DG  A 1 4  ? -3.682  8.904   -6.615  1.00 16.91 ? 4  DG  A P     1 
ATOM   59  O  OP1   . DG  A 1 4  ? -4.629  9.711   -7.408  1.00 19.48 ? 4  DG  A OP1   1 
ATOM   60  O  OP2   . DG  A 1 4  ? -2.803  8.050   -7.425  1.00 17.30 ? 4  DG  A OP2   1 
ATOM   61  O  "O5'" . DG  A 1 4  ? -2.991  9.496   -5.333  1.00 14.05 ? 4  DG  A "O5'" 1 
ATOM   62  C  "C5'" . DG  A 1 4  ? -3.579  10.534  -4.531  1.00 11.28 ? 4  DG  A "C5'" 1 
ATOM   63  C  "C4'" . DG  A 1 4  ? -3.261  10.185  -3.108  1.00 12.98 ? 4  DG  A "C4'" 1 
ATOM   64  O  "O4'" . DG  A 1 4  ? -3.655  8.966   -2.531  1.00 12.68 ? 4  DG  A "O4'" 1 
ATOM   65  C  "C3'" . DG  A 1 4  ? -1.776  10.281  -2.952  1.00 12.35 ? 4  DG  A "C3'" 1 
ATOM   66  O  "O3'" . DG  A 1 4  ? -1.537  10.964  -1.730  1.00 18.29 ? 4  DG  A "O3'" 1 
ATOM   67  C  "C2'" . DG  A 1 4  ? -1.298  8.799   -2.938  1.00 12.89 ? 4  DG  A "C2'" 1 
ATOM   68  C  "C1'" . DG  A 1 4  ? -2.429  8.190   -2.186  1.00 12.44 ? 4  DG  A "C1'" 1 
ATOM   69  N  N9    . DG  A 1 4  ? -2.743  6.840   -2.721  1.00 13.51 ? 4  DG  A N9    1 
ATOM   70  C  C8    . DG  A 1 4  ? -2.502  6.341   -3.965  1.00 12.87 ? 4  DG  A C8    1 
ATOM   71  N  N7    . DG  A 1 4  ? -2.918  5.132   -4.123  1.00 14.23 ? 4  DG  A N7    1 
ATOM   72  C  C5    . DG  A 1 4  ? -3.498  4.809   -2.925  1.00 11.72 ? 4  DG  A C5    1 
ATOM   73  C  C6    . DG  A 1 4  ? -4.169  3.617   -2.506  1.00 14.09 ? 4  DG  A C6    1 
ATOM   74  O  O6    . DG  A 1 4  ? -4.357  2.634   -3.237  1.00 11.35 ? 4  DG  A O6    1 
ATOM   75  N  N1    . DG  A 1 4  ? -4.580  3.638   -1.193  1.00 16.71 ? 4  DG  A N1    1 
ATOM   76  C  C2    . DG  A 1 4  ? -4.423  4.728   -0.385  1.00 15.49 ? 4  DG  A C2    1 
ATOM   77  N  N2    . DG  A 1 4  ? -4.916  4.640   0.876   1.00 11.89 ? 4  DG  A N2    1 
ATOM   78  N  N3    . DG  A 1 4  ? -3.815  5.848   -0.738  1.00 10.77 ? 4  DG  A N3    1 
ATOM   79  C  C4    . DG  A 1 4  ? -3.391  5.835   -2.036  1.00 12.61 ? 4  DG  A C4    1 
ATOM   80  P  P     . DG  A 1 5  ? 0.016   11.204  -1.194  1.00 21.41 ? 5  DG  A P     1 
ATOM   81  O  OP1   . DG  A 1 5  ? -0.066  12.426  -0.334  1.00 27.24 ? 5  DG  A OP1   1 
ATOM   82  O  OP2   . DG  A 1 5  ? 0.956   11.060  -2.368  1.00 17.39 ? 5  DG  A OP2   1 
ATOM   83  O  "O5'" . DG  A 1 5  ? 0.296   9.923   -0.237  1.00 24.05 ? 5  DG  A "O5'" 1 
ATOM   84  C  "C5'" . DG  A 1 5  ? -0.640  9.792   0.920   1.00 19.77 ? 5  DG  A "C5'" 1 
ATOM   85  C  "C4'" . DG  A 1 5  ? -0.213  8.445   1.469   1.00 25.23 ? 5  DG  A "C4'" 1 
ATOM   86  O  "O4'" . DG  A 1 5  ? -0.667  7.448   0.580   1.00 23.42 ? 5  DG  A "O4'" 1 
ATOM   87  C  "C3'" . DG  A 1 5  ? 1.270   8.189   1.619   1.00 23.56 ? 5  DG  A "C3'" 1 
ATOM   88  O  "O3'" . DG  A 1 5  ? 1.574   7.430   2.784   1.00 42.59 ? 5  DG  A "O3'" 1 
ATOM   89  C  "C2'" . DG  A 1 5  ? 1.619   7.403   0.319   1.00 28.17 ? 5  DG  A "C2'" 1 
ATOM   90  C  "C1'" . DG  A 1 5  ? 0.375   6.506   0.382   1.00 22.34 ? 5  DG  A "C1'" 1 
ATOM   91  N  N9    . DG  A 1 5  ? 0.248   5.697   -0.821  1.00 17.85 ? 5  DG  A N9    1 
ATOM   92  C  C8    . DG  A 1 5  ? 0.708   5.817   -2.082  1.00 18.33 ? 5  DG  A C8    1 
ATOM   93  N  N7    . DG  A 1 5  ? 0.361   4.830   -2.896  1.00 18.12 ? 5  DG  A N7    1 
ATOM   94  C  C5    . DG  A 1 5  ? -0.334  3.972   -2.036  1.00 16.83 ? 5  DG  A C5    1 
ATOM   95  C  C6    . DG  A 1 5  ? -0.901  2.704   -2.282  1.00 11.36 ? 5  DG  A C6    1 
ATOM   96  O  O6    . DG  A 1 5  ? -0.948  2.136   -3.368  1.00 15.67 ? 5  DG  A O6    1 
ATOM   97  N  N1    . DG  A 1 5  ? -1.485  2.160   -1.164  1.00 13.82 ? 5  DG  A N1    1 
ATOM   98  C  C2    . DG  A 1 5  ? -1.523  2.706   0.037   1.00 17.17 ? 5  DG  A C2    1 
ATOM   99  N  N2    . DG  A 1 5  ? -2.176  2.022   0.925   1.00 15.65 ? 5  DG  A N2    1 
ATOM   100 N  N3    . DG  A 1 5  ? -0.978  3.930   0.357   1.00 17.82 ? 5  DG  A N3    1 
ATOM   101 C  C4    . DG  A 1 5  ? -0.414  4.464   -0.759  1.00 14.29 ? 5  DG  A C4    1 
ATOM   102 P  P     . DC  A 1 6  ? 1.929   7.961   4.330   1.00 44.13 ? 6  DC  A P     1 
ATOM   103 O  OP1   . DC  A 1 6  ? 0.825   8.783   4.895   1.00 35.15 ? 6  DC  A OP1   1 
ATOM   104 O  OP2   . DC  A 1 6  ? 3.212   8.648   3.999   1.00 36.48 ? 6  DC  A OP2   1 
ATOM   105 O  "O5'" . DC  A 1 6  ? 1.984   6.531   4.993   1.00 29.93 ? 6  DC  A "O5'" 1 
ATOM   106 C  "C5'" . DC  A 1 6  ? 0.802   5.802   5.346   1.00 24.80 ? 6  DC  A "C5'" 1 
ATOM   107 C  "C4'" . DC  A 1 6  ? 1.281   4.379   5.220   1.00 15.95 ? 6  DC  A "C4'" 1 
ATOM   108 O  "O4'" . DC  A 1 6  ? 1.228   4.120   3.876   1.00 18.00 ? 6  DC  A "O4'" 1 
ATOM   109 C  "C3'" . DC  A 1 6  ? 2.747   4.054   5.647   1.00 17.06 ? 6  DC  A "C3'" 1 
ATOM   110 O  "O3'" . DC  A 1 6  ? 2.696   3.444   6.954   1.00 21.76 ? 6  DC  A "O3'" 1 
ATOM   111 C  "C2'" . DC  A 1 6  ? 3.302   3.207   4.526   1.00 13.71 ? 6  DC  A "C2'" 1 
ATOM   112 C  "C1'" . DC  A 1 6  ? 2.046   2.927   3.708   1.00 18.75 ? 6  DC  A "C1'" 1 
ATOM   113 N  N1    . DC  A 1 6  ? 2.218   2.811   2.267   1.00 16.10 ? 6  DC  A N1    1 
ATOM   114 C  C2    . DC  A 1 6  ? 1.681   1.702   1.668   1.00 15.38 ? 6  DC  A C2    1 
ATOM   115 O  O2    . DC  A 1 6  ? 1.084   0.898   2.361   1.00 21.00 ? 6  DC  A O2    1 
ATOM   116 N  N3    . DC  A 1 6  ? 1.857   1.570   0.357   1.00 16.90 ? 6  DC  A N3    1 
ATOM   117 C  C4    . DC  A 1 6  ? 2.525   2.528   -0.391  1.00 16.36 ? 6  DC  A C4    1 
ATOM   118 N  N4    . DC  A 1 6  ? 2.625   2.343   -1.664  1.00 11.90 ? 6  DC  A N4    1 
ATOM   119 C  C5    . DC  A 1 6  ? 3.082   3.659   0.253   1.00 15.75 ? 6  DC  A C5    1 
ATOM   120 C  C6    . DC  A 1 6  ? 2.904   3.769   1.552   1.00 16.87 ? 6  DC  A C6    1 
ATOM   121 P  P     . DC  A 1 7  ? 3.993   2.960   7.734   1.00 24.90 ? 7  DC  A P     1 
ATOM   122 O  OP1   . DC  A 1 7  ? 3.789   3.209   9.131   1.00 25.84 ? 7  DC  A OP1   1 
ATOM   123 O  OP2   . DC  A 1 7  ? 5.239   3.520   7.127   1.00 24.66 ? 7  DC  A OP2   1 
ATOM   124 O  "O5'" . DC  A 1 7  ? 4.042   1.406   7.250   1.00 22.96 ? 7  DC  A "O5'" 1 
ATOM   125 C  "C5'" . DC  A 1 7  ? 2.969   0.461   7.238   1.00 16.29 ? 7  DC  A "C5'" 1 
ATOM   126 C  "C4'" . DC  A 1 7  ? 3.630   -0.792  6.703   1.00 15.31 ? 7  DC  A "C4'" 1 
ATOM   127 O  "O4'" . DC  A 1 7  ? 3.729   -0.678  5.292   1.00 14.42 ? 7  DC  A "O4'" 1 
ATOM   128 C  "C3'" . DC  A 1 7  ? 5.033   -1.091  7.177   1.00 13.68 ? 7  DC  A "C3'" 1 
ATOM   129 O  "O3'" . DC  A 1 7  ? 5.171   -2.505  7.452   1.00 16.17 ? 7  DC  A "O3'" 1 
ATOM   130 C  "C2'" . DC  A 1 7  ? 5.936   -0.647  6.028   1.00 11.39 ? 7  DC  A "C2'" 1 
ATOM   131 C  "C1'" . DC  A 1 7  ? 5.051   -1.122  4.855   1.00 11.72 ? 7  DC  A "C1'" 1 
ATOM   132 N  N1    . DC  A 1 7  ? 5.224   -0.564  3.545   1.00 13.26 ? 7  DC  A N1    1 
ATOM   133 C  C2    . DC  A 1 7  ? 4.803   -1.288  2.427   1.00 11.50 ? 7  DC  A C2    1 
ATOM   134 O  O2    . DC  A 1 7  ? 4.367   -2.421  2.579   1.00 12.52 ? 7  DC  A O2    1 
ATOM   135 N  N3    . DC  A 1 7  ? 4.956   -0.697  1.164   1.00 13.39 ? 7  DC  A N3    1 
ATOM   136 C  C4    . DC  A 1 7  ? 5.428   0.514   1.030   1.00 10.27 ? 7  DC  A C4    1 
ATOM   137 N  N4    . DC  A 1 7  ? 5.591   1.195   -0.141  1.00 15.13 ? 7  DC  A N4    1 
ATOM   138 C  C5    . DC  A 1 7  ? 5.825   1.268   2.183   1.00 13.17 ? 7  DC  A C5    1 
ATOM   139 C  C6    . DC  A 1 7  ? 5.714   0.716   3.348   1.00 11.28 ? 7  DC  A C6    1 
ATOM   140 P  P     . DA  A 1 8  ? 5.611   -3.350  8.671   1.00 14.94 ? 8  DA  A P     1 
ATOM   141 O  OP1   . DA  A 1 8  ? 4.705   -2.876  9.694   1.00 15.90 ? 8  DA  A OP1   1 
ATOM   142 O  OP2   . DA  A 1 8  ? 6.993   -3.398  8.799   1.00 15.47 ? 8  DA  A OP2   1 
ATOM   143 O  "O5'" . DA  A 1 8  ? 5.485   -4.958  8.320   1.00 16.28 ? 8  DA  A "O5'" 1 
ATOM   144 C  "C5'" . DA  A 1 8  ? 4.275   -5.713  7.996   1.00 15.50 ? 8  DA  A "C5'" 1 
ATOM   145 C  "C4'" . DA  A 1 8  ? 4.575   -6.537  6.824   1.00 9.63  ? 8  DA  A "C4'" 1 
ATOM   146 O  "O4'" . DA  A 1 8  ? 4.974   -5.878  5.664   1.00 11.86 ? 8  DA  A "O4'" 1 
ATOM   147 C  "C3'" . DA  A 1 8  ? 5.704   -7.551  7.108   1.00 14.86 ? 8  DA  A "C3'" 1 
ATOM   148 O  "O3'" . DA  A 1 8  ? 5.137   -8.774  6.583   1.00 16.83 ? 8  DA  A "O3'" 1 
ATOM   149 C  "C2'" . DA  A 1 8  ? 6.915   -6.989  6.475   1.00 12.71 ? 8  DA  A "C2'" 1 
ATOM   150 C  "C1'" . DA  A 1 8  ? 6.345   -6.255  5.265   1.00 12.08 ? 8  DA  A "C1'" 1 
ATOM   151 N  N9    . DA  A 1 8  ? 7.072   -5.044  4.907   1.00 16.42 ? 8  DA  A N9    1 
ATOM   152 C  C8    . DA  A 1 8  ? 7.801   -4.157  5.726   1.00 14.69 ? 8  DA  A C8    1 
ATOM   153 N  N7    . DA  A 1 8  ? 8.289   -3.104  5.062   1.00 13.22 ? 8  DA  A N7    1 
ATOM   154 C  C5    . DA  A 1 8  ? 7.868   -3.320  3.769   1.00 11.14 ? 8  DA  A C5    1 
ATOM   155 C  C6    . DA  A 1 8  ? 8.101   -2.569  2.588   1.00 9.96  ? 8  DA  A C6    1 
ATOM   156 N  N6    . DA  A 1 8  ? 8.760   -1.482  2.468   1.00 14.08 ? 8  DA  A N6    1 
ATOM   157 N  N1    . DA  A 1 8  ? 7.564   -3.107  1.459   1.00 14.07 ? 8  DA  A N1    1 
ATOM   158 C  C2    . DA  A 1 8  ? 6.819   -4.303  1.457   1.00 14.15 ? 8  DA  A C2    1 
ATOM   159 N  N3    . DA  A 1 8  ? 6.607   -5.041  2.509   1.00 11.93 ? 8  DA  A N3    1 
ATOM   160 C  C4    . DA  A 1 8  ? 7.181   -4.502  3.637   1.00 9.97  ? 8  DA  A C4    1 
ATOM   161 P  P     . DT  A 1 9  ? 5.845   -10.190 6.618   1.00 19.41 ? 9  DT  A P     1 
ATOM   162 O  OP1   . DT  A 1 9  ? 4.715   -11.069 6.579   1.00 23.42 ? 9  DT  A OP1   1 
ATOM   163 O  OP2   . DT  A 1 9  ? 6.839   -10.341 7.643   1.00 17.69 ? 9  DT  A OP2   1 
ATOM   164 O  "O5'" . DT  A 1 9  ? 6.831   -10.244 5.238   1.00 19.08 ? 9  DT  A "O5'" 1 
ATOM   165 C  "C5'" . DT  A 1 9  ? 6.145   -10.179 3.978   1.00 13.91 ? 9  DT  A "C5'" 1 
ATOM   166 C  "C4'" . DT  A 1 9  ? 7.128   -9.762  2.902   1.00 15.61 ? 9  DT  A "C4'" 1 
ATOM   167 O  "O4'" . DT  A 1 9  ? 7.677   -8.498  3.118   1.00 16.96 ? 9  DT  A "O4'" 1 
ATOM   168 C  "C3'" . DT  A 1 9  ? 8.358   -10.618 2.860   1.00 13.47 ? 9  DT  A "C3'" 1 
ATOM   169 O  "O3'" . DT  A 1 9  ? 8.064   -11.652 1.938   1.00 25.20 ? 9  DT  A "O3'" 1 
ATOM   170 C  "C2'" . DT  A 1 9  ? 9.504   -9.700  2.475   1.00 14.92 ? 9  DT  A "C2'" 1 
ATOM   171 C  "C1'" . DT  A 1 9  ? 8.837   -8.393  2.283   1.00 16.91 ? 9  DT  A "C1'" 1 
ATOM   172 N  N1    . DT  A 1 9  ? 9.569   -7.235  2.805   1.00 20.10 ? 9  DT  A N1    1 
ATOM   173 C  C2    . DT  A 1 9  ? 9.846   -6.234  1.857   1.00 14.51 ? 9  DT  A C2    1 
ATOM   174 O  O2    . DT  A 1 9  ? 9.520   -6.379  0.689   1.00 15.48 ? 9  DT  A O2    1 
ATOM   175 N  N3    . DT  A 1 9  ? 10.494  -5.133  2.316   1.00 14.71 ? 9  DT  A N3    1 
ATOM   176 C  C4    . DT  A 1 9  ? 10.880  -4.948  3.632   1.00 16.63 ? 9  DT  A C4    1 
ATOM   177 O  O4    . DT  A 1 9  ? 11.460  -3.836  3.952   1.00 14.04 ? 9  DT  A O4    1 
ATOM   178 C  C5    . DT  A 1 9  ? 10.572  -5.990  4.572   1.00 12.77 ? 9  DT  A C5    1 
ATOM   179 C  C7    . DT  A 1 9  ? 10.945  -5.775  6.016   1.00 13.70 ? 9  DT  A C7    1 
ATOM   180 C  C6    . DT  A 1 9  ? 9.925   -7.052  4.111   1.00 16.99 ? 9  DT  A C6    1 
ATOM   181 P  P     . DG  A 1 10 ? 9.167   -12.805 1.544   1.00 24.28 ? 10 DG  A P     1 
ATOM   182 O  OP1   . DG  A 1 10 ? 8.232   -13.851 1.255   1.00 33.90 ? 10 DG  A OP1   1 
ATOM   183 O  OP2   . DG  A 1 10 ? 10.116  -13.123 2.631   1.00 23.80 ? 10 DG  A OP2   1 
ATOM   184 O  "O5'" . DG  A 1 10 ? 9.974   -12.182 0.317   1.00 21.41 ? 10 DG  A "O5'" 1 
ATOM   185 C  "C5'" . DG  A 1 10 ? 9.542   -11.932 -0.994  1.00 18.61 ? 10 DG  A "C5'" 1 
ATOM   186 C  "C4'" . DG  A 1 10 ? 10.628  -11.144 -1.700  1.00 19.51 ? 10 DG  A "C4'" 1 
ATOM   187 O  "O4'" . DG  A 1 10 ? 10.940  -9.927  -1.065  1.00 19.02 ? 10 DG  A "O4'" 1 
ATOM   188 C  "C3'" . DG  A 1 10 ? 11.960  -11.900 -1.878  1.00 14.95 ? 10 DG  A "C3'" 1 
ATOM   189 O  "O3'" . DG  A 1 10 ? 12.230  -11.774 -3.298  1.00 20.41 ? 10 DG  A "O3'" 1 
ATOM   190 C  "C2'" . DG  A 1 10 ? 12.883  -11.184 -0.953  1.00 16.37 ? 10 DG  A "C2'" 1 
ATOM   191 C  "C1'" . DG  A 1 10 ? 12.332  -9.756  -0.935  1.00 16.42 ? 10 DG  A "C1'" 1 
ATOM   192 N  N9    . DG  A 1 10 ? 12.648  -8.948  0.255   1.00 16.18 ? 10 DG  A N9    1 
ATOM   193 C  C8    . DG  A 1 10 ? 12.650  -9.246  1.615   1.00 16.09 ? 10 DG  A C8    1 
ATOM   194 N  N7    . DG  A 1 10 ? 13.052  -8.279  2.380   1.00 15.68 ? 10 DG  A N7    1 
ATOM   195 C  C5    . DG  A 1 10 ? 13.334  -7.272  1.488   1.00 15.63 ? 10 DG  A C5    1 
ATOM   196 C  C6    . DG  A 1 10 ? 13.769  -5.938  1.661   1.00 15.01 ? 10 DG  A C6    1 
ATOM   197 O  O6    . DG  A 1 10 ? 14.013  -5.449  2.743   1.00 16.79 ? 10 DG  A O6    1 
ATOM   198 N  N1    . DG  A 1 10 ? 13.975  -5.182  0.506   1.00 16.52 ? 10 DG  A N1    1 
ATOM   199 C  C2    . DG  A 1 10 ? 13.709  -5.677  -0.698  1.00 17.48 ? 10 DG  A C2    1 
ATOM   200 N  N2    . DG  A 1 10 ? 13.919  -4.905  -1.773  1.00 13.84 ? 10 DG  A N2    1 
ATOM   201 N  N3    . DG  A 1 10 ? 13.258  -6.949  -0.937  1.00 17.40 ? 10 DG  A N3    1 
ATOM   202 C  C4    . DG  A 1 10 ? 13.088  -7.664  0.187   1.00 18.14 ? 10 DG  A C4    1 
ATOM   203 O  "O5'" . DC  B 1 1  ? 19.239  1.939   0.189   1.00 56.53 ? 11 DC  B "O5'" 1 
ATOM   204 C  "C5'" . DC  B 1 1  ? 18.152  2.476   -0.615  1.00 38.13 ? 11 DC  B "C5'" 1 
ATOM   205 C  "C4'" . DC  B 1 1  ? 18.044  1.618   -1.879  1.00 34.34 ? 11 DC  B "C4'" 1 
ATOM   206 O  "O4'" . DC  B 1 1  ? 18.020  0.246   -1.523  1.00 27.51 ? 11 DC  B "O4'" 1 
ATOM   207 C  "C3'" . DC  B 1 1  ? 16.756  1.914   -2.703  1.00 27.79 ? 11 DC  B "C3'" 1 
ATOM   208 O  "O3'" . DC  B 1 1  ? 16.789  1.512   -4.074  1.00 29.72 ? 11 DC  B "O3'" 1 
ATOM   209 C  "C2'" . DC  B 1 1  ? 15.767  1.122   -1.843  1.00 27.26 ? 11 DC  B "C2'" 1 
ATOM   210 C  "C1'" . DC  B 1 1  ? 16.638  -0.158  -1.622  1.00 23.08 ? 11 DC  B "C1'" 1 
ATOM   211 N  N1    . DC  B 1 1  ? 16.229  -0.788  -0.387  1.00 19.60 ? 11 DC  B N1    1 
ATOM   212 C  C2    . DC  B 1 1  ? 15.642  -2.044  -0.529  1.00 17.44 ? 11 DC  B C2    1 
ATOM   213 O  O2    . DC  B 1 1  ? 15.536  -2.525  -1.651  1.00 17.62 ? 11 DC  B O2    1 
ATOM   214 N  N3    . DC  B 1 1  ? 15.220  -2.657  0.619   1.00 15.77 ? 11 DC  B N3    1 
ATOM   215 C  C4    . DC  B 1 1  ? 15.408  -2.101  1.822   1.00 19.31 ? 11 DC  B C4    1 
ATOM   216 N  N4    . DC  B 1 1  ? 14.982  -2.787  2.880   1.00 21.22 ? 11 DC  B N4    1 
ATOM   217 C  C5    . DC  B 1 1  ? 16.021  -0.794  1.973   1.00 17.44 ? 11 DC  B C5    1 
ATOM   218 C  C6    . DC  B 1 1  ? 16.387  -0.202  0.837   1.00 19.42 ? 11 DC  B C6    1 
ATOM   219 P  P     . DA  B 1 2  ? 15.643  2.071   -5.047  1.00 32.49 ? 12 DA  B P     1 
ATOM   220 O  OP1   . DA  B 1 2  ? 16.406  2.079   -6.327  1.00 36.55 ? 12 DA  B OP1   1 
ATOM   221 O  OP2   . DA  B 1 2  ? 14.947  3.184   -4.440  1.00 31.08 ? 12 DA  B OP2   1 
ATOM   222 O  "O5'" . DA  B 1 2  ? 14.463  1.081   -5.273  1.00 30.88 ? 12 DA  B "O5'" 1 
ATOM   223 C  "C5'" . DA  B 1 2  ? 14.894  -0.231  -5.691  1.00 31.04 ? 12 DA  B "C5'" 1 
ATOM   224 C  "C4'" . DA  B 1 2  ? 13.616  -1.092  -5.738  1.00 23.94 ? 12 DA  B "C4'" 1 
ATOM   225 O  "O4'" . DA  B 1 2  ? 13.221  -1.450  -4.514  1.00 24.70 ? 12 DA  B "O4'" 1 
ATOM   226 C  "C3'" . DA  B 1 2  ? 12.410  -0.339  -6.363  1.00 19.44 ? 12 DA  B "C3'" 1 
ATOM   227 O  "O3'" . DA  B 1 2  ? 11.929  -1.211  -7.358  1.00 28.91 ? 12 DA  B "O3'" 1 
ATOM   228 C  "C2'" . DA  B 1 2  ? 11.554  -0.019  -5.188  1.00 21.03 ? 12 DA  B "C2'" 1 
ATOM   229 C  "C1'" . DA  B 1 2  ? 11.790  -1.122  -4.252  1.00 21.99 ? 12 DA  B "C1'" 1 
ATOM   230 N  N9    . DA  B 1 2  ? 11.914  -0.896  -2.784  1.00 15.22 ? 12 DA  B N9    1 
ATOM   231 C  C8    . DA  B 1 2  ? 12.443  0.130   -2.128  1.00 17.83 ? 12 DA  B C8    1 
ATOM   232 N  N7    . DA  B 1 2  ? 12.471  0.039   -0.852  1.00 19.95 ? 12 DA  B N7    1 
ATOM   233 C  C5    . DA  B 1 2  ? 11.966  -1.269  -0.634  1.00 21.68 ? 12 DA  B C5    1 
ATOM   234 C  C6    . DA  B 1 2  ? 11.723  -1.999  0.586   1.00 15.82 ? 12 DA  B C6    1 
ATOM   235 N  N6    . DA  B 1 2  ? 12.024  -1.522  1.767   1.00 15.10 ? 12 DA  B N6    1 
ATOM   236 N  N1    . DA  B 1 2  ? 11.244  -3.211  0.388   1.00 13.03 ? 12 DA  B N1    1 
ATOM   237 C  C2    . DA  B 1 2  ? 10.911  -3.675  -0.859  1.00 18.99 ? 12 DA  B C2    1 
ATOM   238 N  N3    . DA  B 1 2  ? 11.066  -3.082  -2.066  1.00 12.77 ? 12 DA  B N3    1 
ATOM   239 C  C4    . DA  B 1 2  ? 11.624  -1.852  -1.845  1.00 18.92 ? 12 DA  B C4    1 
ATOM   240 P  P     . DT  B 1 3  ? 10.667  -0.886  -8.313  1.00 26.19 ? 13 DT  B P     1 
ATOM   241 O  OP1   . DT  B 1 3  ? 11.008  -1.700  -9.494  1.00 35.76 ? 13 DT  B OP1   1 
ATOM   242 O  OP2   . DT  B 1 3  ? 10.270  0.532   -8.402  1.00 23.27 ? 13 DT  B OP2   1 
ATOM   243 O  "O5'" . DT  B 1 3  ? 9.408   -1.634  -7.507  1.00 22.12 ? 13 DT  B "O5'" 1 
ATOM   244 C  "C5'" . DT  B 1 3  ? 9.414   -3.038  -7.255  1.00 17.79 ? 13 DT  B "C5'" 1 
ATOM   245 C  "C4'" . DT  B 1 3  ? 8.162   -3.313  -6.512  1.00 16.67 ? 13 DT  B "C4'" 1 
ATOM   246 O  "O4'" . DT  B 1 3  ? 8.436   -3.027  -5.144  1.00 18.01 ? 13 DT  B "O4'" 1 
ATOM   247 C  "C3'" . DT  B 1 3  ? 6.933   -2.480  -6.944  1.00 15.57 ? 13 DT  B "C3'" 1 
ATOM   248 O  "O3'" . DT  B 1 3  ? 5.776   -3.257  -7.014  1.00 19.60 ? 13 DT  B "O3'" 1 
ATOM   249 C  "C2'" . DT  B 1 3  ? 6.773   -1.548  -5.761  1.00 13.83 ? 13 DT  B "C2'" 1 
ATOM   250 C  "C1'" . DT  B 1 3  ? 7.258   -2.366  -4.599  1.00 10.49 ? 13 DT  B "C1'" 1 
ATOM   251 N  N1    . DT  B 1 3  ? 7.665   -1.626  -3.437  1.00 12.38 ? 13 DT  B N1    1 
ATOM   252 C  C2    . DT  B 1 3  ? 7.537   -2.279  -2.239  1.00 10.10 ? 13 DT  B C2    1 
ATOM   253 O  O2    . DT  B 1 3  ? 7.094   -3.398  -2.081  1.00 17.26 ? 13 DT  B O2    1 
ATOM   254 N  N3    . DT  B 1 3  ? 7.911   -1.607  -1.087  1.00 12.58 ? 13 DT  B N3    1 
ATOM   255 C  C4    . DT  B 1 3  ? 8.411   -0.357  -1.120  1.00 11.60 ? 13 DT  B C4    1 
ATOM   256 O  O4    . DT  B 1 3  ? 8.732   0.075   -0.013  1.00 17.81 ? 13 DT  B O4    1 
ATOM   257 C  C5    . DT  B 1 3  ? 8.573   0.302   -2.354  1.00 14.76 ? 13 DT  B C5    1 
ATOM   258 C  C7    . DT  B 1 3  ? 9.094   1.701   -2.444  1.00 15.27 ? 13 DT  B C7    1 
ATOM   259 C  C6    . DT  B 1 3  ? 8.199   -0.373  -3.456  1.00 16.02 ? 13 DT  B C6    1 
ATOM   260 P  P     . DG  B 1 4  ? 4.863   -3.795  -8.237  1.00 21.24 ? 14 DG  B P     1 
ATOM   261 O  OP1   . DG  B 1 4  ? 6.064   -4.055  -9.059  1.00 23.20 ? 14 DG  B OP1   1 
ATOM   262 O  OP2   . DG  B 1 4  ? 4.235   -2.449  -8.641  1.00 21.71 ? 14 DG  B OP2   1 
ATOM   263 O  "O5'" . DG  B 1 4  ? 4.069   -5.025  -7.871  1.00 18.75 ? 14 DG  B "O5'" 1 
ATOM   264 C  "C5'" . DG  B 1 4  ? 4.576   -6.182  -7.226  1.00 18.60 ? 14 DG  B "C5'" 1 
ATOM   265 C  "C4'" . DG  B 1 4  ? 3.569   -6.584  -6.131  1.00 20.92 ? 14 DG  B "C4'" 1 
ATOM   266 O  "O4'" . DG  B 1 4  ? 3.651   -5.796  -5.005  1.00 20.67 ? 14 DG  B "O4'" 1 
ATOM   267 C  "C3'" . DG  B 1 4  ? 2.100   -6.642  -6.511  1.00 20.86 ? 14 DG  B "C3'" 1 
ATOM   268 O  "O3'" . DG  B 1 4  ? 1.515   -7.850  -6.071  1.00 17.11 ? 14 DG  B "O3'" 1 
ATOM   269 C  "C2'" . DG  B 1 4  ? 1.508   -5.365  -5.864  1.00 15.90 ? 14 DG  B "C2'" 1 
ATOM   270 C  "C1'" . DG  B 1 4  ? 2.387   -5.164  -4.734  1.00 14.83 ? 14 DG  B "C1'" 1 
ATOM   271 N  N9    . DG  B 1 4  ? 2.852   -3.804  -4.484  1.00 13.90 ? 14 DG  B N9    1 
ATOM   272 C  C8    . DG  B 1 4  ? 3.013   -2.745  -5.321  1.00 14.34 ? 14 DG  B C8    1 
ATOM   273 N  N7    . DG  B 1 4  ? 3.477   -1.694  -4.753  1.00 10.57 ? 14 DG  B N7    1 
ATOM   274 C  C5    . DG  B 1 4  ? 3.641   -2.117  -3.424  1.00 13.64 ? 14 DG  B C5    1 
ATOM   275 C  C6    . DG  B 1 4  ? 4.125   -1.392  -2.270  1.00 11.54 ? 14 DG  B C6    1 
ATOM   276 O  O6    . DG  B 1 4  ? 4.473   -0.228  -2.335  1.00 14.35 ? 14 DG  B O6    1 
ATOM   277 N  N1    . DG  B 1 4  ? 4.147   -2.083  -1.046  1.00 16.13 ? 14 DG  B N1    1 
ATOM   278 C  C2    . DG  B 1 4  ? 3.696   -3.408  -1.003  1.00 15.82 ? 14 DG  B C2    1 
ATOM   279 N  N2    . DG  B 1 4  ? 3.732   -3.978  0.202   1.00 11.11 ? 14 DG  B N2    1 
ATOM   280 N  N3    . DG  B 1 4  ? 3.231   -4.125  -2.078  1.00 14.21 ? 14 DG  B N3    1 
ATOM   281 C  C4    . DG  B 1 4  ? 3.263   -3.408  -3.236  1.00 11.97 ? 14 DG  B C4    1 
ATOM   282 P  P     . DG  B 1 5  ? 0.005   -8.319  -6.368  1.00 21.16 ? 15 DG  B P     1 
ATOM   283 O  OP1   . DG  B 1 5  ? 0.002   -9.810  -6.518  1.00 22.06 ? 15 DG  B OP1   1 
ATOM   284 O  OP2   . DG  B 1 5  ? -0.577  -7.496  -7.488  1.00 15.83 ? 15 DG  B OP2   1 
ATOM   285 O  "O5'" . DG  B 1 5  ? -0.682  -7.880  -4.962  1.00 18.74 ? 15 DG  B "O5'" 1 
ATOM   286 C  "C5'" . DG  B 1 5  ? -0.090  -8.374  -3.723  1.00 19.47 ? 15 DG  B "C5'" 1 
ATOM   287 C  "C4'" . DG  B 1 5  ? -0.741  -7.643  -2.596  1.00 14.81 ? 15 DG  B "C4'" 1 
ATOM   288 O  "O4'" . DG  B 1 5  ? -0.177  -6.359  -2.453  1.00 16.54 ? 15 DG  B "O4'" 1 
ATOM   289 C  "C3'" . DG  B 1 5  ? -2.226  -7.445  -2.738  1.00 13.85 ? 15 DG  B "C3'" 1 
ATOM   290 O  "O3'" . DG  B 1 5  ? -2.716  -8.038  -1.552  1.00 18.65 ? 15 DG  B "O3'" 1 
ATOM   291 C  "C2'" . DG  B 1 5  ? -2.428  -5.987  -2.868  1.00 12.04 ? 15 DG  B "C2'" 1 
ATOM   292 C  "C1'" . DG  B 1 5  ? -1.246  -5.490  -2.089  1.00 13.52 ? 15 DG  B "C1'" 1 
ATOM   293 N  N9    . DG  B 1 5  ? -0.742  -4.206  -2.555  1.00 14.04 ? 15 DG  B N9    1 
ATOM   294 C  C8    . DG  B 1 5  ? -0.778  -3.685  -3.836  1.00 14.94 ? 15 DG  B C8    1 
ATOM   295 N  N7    . DG  B 1 5  ? -0.326  -2.536  -3.948  1.00 11.23 ? 15 DG  B N7    1 
ATOM   296 C  C5    . DG  B 1 5  ? 0.084   -2.199  -2.640  1.00 15.38 ? 15 DG  B C5    1 
ATOM   297 C  C6    . DG  B 1 5  ? 0.676   -0.994  -2.078  1.00 14.75 ? 15 DG  B C6    1 
ATOM   298 O  O6    . DG  B 1 5  ? 1.005   0.024   -2.795  1.00 14.54 ? 15 DG  B O6    1 
ATOM   299 N  N1    . DG  B 1 5  ? 0.896   -1.085  -0.746  1.00 11.83 ? 15 DG  B N1    1 
ATOM   300 C  C2    . DG  B 1 5  ? 0.595   -2.165  0.009   1.00 14.33 ? 15 DG  B C2    1 
ATOM   301 N  N2    . DG  B 1 5  ? 0.876   -2.154  1.336   1.00 16.77 ? 15 DG  B N2    1 
ATOM   302 N  N3    . DG  B 1 5  ? 0.006   -3.306  -0.428  1.00 15.86 ? 15 DG  B N3    1 
ATOM   303 C  C4    . DG  B 1 5  ? -0.188  -3.222  -1.761  1.00 12.84 ? 15 DG  B C4    1 
ATOM   304 P  P     . DC  B 1 6  ? -4.188  -8.158  -1.020  1.00 18.94 ? 16 DC  B P     1 
ATOM   305 O  OP1   . DC  B 1 6  ? -4.274  -9.485  -0.289  1.00 24.52 ? 16 DC  B OP1   1 
ATOM   306 O  OP2   . DC  B 1 6  ? -5.162  -8.065  -2.156  1.00 19.45 ? 16 DC  B OP2   1 
ATOM   307 O  "O5'" . DC  B 1 6  ? -4.391  -7.065  0.121   1.00 19.27 ? 16 DC  B "O5'" 1 
ATOM   308 C  "C5'" . DC  B 1 6  ? -3.389  -6.679  1.103   1.00 18.19 ? 16 DC  B "C5'" 1 
ATOM   309 C  "C4'" . DC  B 1 6  ? -3.641  -5.298  1.633   1.00 16.59 ? 16 DC  B "C4'" 1 
ATOM   310 O  "O4'" . DC  B 1 6  ? -3.080  -4.371  0.720   1.00 16.50 ? 16 DC  B "O4'" 1 
ATOM   311 C  "C3'" . DC  B 1 6  ? -5.088  -4.871  1.904   1.00 13.90 ? 16 DC  B "C3'" 1 
ATOM   312 O  "O3'" . DC  B 1 6  ? -5.317  -4.896  3.324   1.00 18.78 ? 16 DC  B "O3'" 1 
ATOM   313 C  "C2'" . DC  B 1 6  ? -5.212  -3.503  1.231   1.00 15.25 ? 16 DC  B "C2'" 1 
ATOM   314 C  "C1'" . DC  B 1 6  ? -3.814  -3.159  0.874   1.00 15.17 ? 16 DC  B "C1'" 1 
ATOM   315 N  N1    . DC  B 1 6  ? -3.636  -2.434  -0.408  1.00 20.99 ? 16 DC  B N1    1 
ATOM   316 C  C2    . DC  B 1 6  ? -3.021  -1.180  -0.263  1.00 18.54 ? 16 DC  B C2    1 
ATOM   317 O  O2    . DC  B 1 6  ? -2.708  -0.796  0.875   1.00 12.40 ? 16 DC  B O2    1 
ATOM   318 N  N3    . DC  B 1 6  ? -2.806  -0.462  -1.442  1.00 16.09 ? 16 DC  B N3    1 
ATOM   319 C  C4    . DC  B 1 6  ? -3.170  -0.985  -2.662  1.00 16.32 ? 16 DC  B C4    1 
ATOM   320 N  N4    . DC  B 1 6  ? -2.917  -0.324  -3.787  1.00 13.72 ? 16 DC  B N4    1 
ATOM   321 C  C5    . DC  B 1 6  ? -3.811  -2.288  -2.748  1.00 16.50 ? 16 DC  B C5    1 
ATOM   322 C  C6    . DC  B 1 6  ? -3.999  -2.961  -1.621  1.00 15.97 ? 16 DC  B C6    1 
ATOM   323 P  P     . DC  B 1 7  ? -6.725  -4.785  4.057   1.00 23.67 ? 17 DC  B P     1 
ATOM   324 O  OP1   . DC  B 1 7  ? -6.409  -5.524  5.285   1.00 26.86 ? 17 DC  B OP1   1 
ATOM   325 O  OP2   . DC  B 1 7  ? -7.796  -5.283  3.195   1.00 18.87 ? 17 DC  B OP2   1 
ATOM   326 O  "O5'" . DC  B 1 7  ? -6.889  -3.250  4.575   1.00 23.52 ? 17 DC  B "O5'" 1 
ATOM   327 C  "C5'" . DC  B 1 7  ? -6.048  -2.377  5.330   1.00 15.97 ? 17 DC  B "C5'" 1 
ATOM   328 C  "C4'" . DC  B 1 7  ? -6.489  -0.937  4.943   1.00 14.06 ? 17 DC  B "C4'" 1 
ATOM   329 O  "O4'" . DC  B 1 7  ? -6.144  -0.490  3.662   1.00 17.25 ? 17 DC  B "O4'" 1 
ATOM   330 C  "C3'" . DC  B 1 7  ? -7.994  -0.709  4.965   1.00 13.96 ? 17 DC  B "C3'" 1 
ATOM   331 O  "O3'" . DC  B 1 7  ? -8.250  0.493   5.670   1.00 23.91 ? 17 DC  B "O3'" 1 
ATOM   332 C  "C2'" . DC  B 1 7  ? -8.503  -0.534  3.508   1.00 14.59 ? 17 DC  B "C2'" 1 
ATOM   333 C  "C1'" . DC  B 1 7  ? -7.282  0.159   2.959   1.00 16.52 ? 17 DC  B "C1'" 1 
ATOM   334 N  N1    . DC  B 1 7  ? -7.093  0.046   1.495   1.00 12.47 ? 17 DC  B N1    1 
ATOM   335 C  C2    . DC  B 1 7  ? -6.364  1.135   1.007   1.00 22.08 ? 17 DC  B C2    1 
ATOM   336 O  O2    . DC  B 1 7  ? -6.005  2.047   1.758   1.00 16.16 ? 17 DC  B O2    1 
ATOM   337 N  N3    . DC  B 1 7  ? -6.119  1.177   -0.379  1.00 17.83 ? 17 DC  B N3    1 
ATOM   338 C  C4    . DC  B 1 7  ? -6.540  0.146   -1.177  1.00 13.20 ? 17 DC  B C4    1 
ATOM   339 N  N4    . DC  B 1 7  ? -6.239  0.283   -2.450  1.00 8.90  ? 17 DC  B N4    1 
ATOM   340 C  C5    . DC  B 1 7  ? -7.312  -0.924  -0.654  1.00 13.06 ? 17 DC  B C5    1 
ATOM   341 C  C6    . DC  B 1 7  ? -7.516  -0.890  0.641   1.00 12.14 ? 17 DC  B C6    1 
ATOM   342 P  P     . DA  B 1 8  ? -8.775  0.521   7.186   1.00 22.62 ? 18 DA  B P     1 
ATOM   343 O  OP1   . DA  B 1 8  ? -7.924  -0.482  7.888   1.00 24.59 ? 18 DA  B OP1   1 
ATOM   344 O  OP2   . DA  B 1 8  ? -10.273 0.152   7.126   1.00 26.47 ? 18 DA  B OP2   1 
ATOM   345 O  "O5'" . DA  B 1 8  ? -8.499  2.008   7.625   1.00 25.38 ? 18 DA  B "O5'" 1 
ATOM   346 C  "C5'" . DA  B 1 8  ? -7.186  2.584   7.609   1.00 16.90 ? 18 DA  B "C5'" 1 
ATOM   347 C  "C4'" . DA  B 1 8  ? -7.388  4.010   7.122   1.00 18.87 ? 18 DA  B "C4'" 1 
ATOM   348 O  "O4'" . DA  B 1 8  ? -7.447  4.171   5.737   1.00 18.40 ? 18 DA  B "O4'" 1 
ATOM   349 C  "C3'" . DA  B 1 8  ? -8.644  4.706   7.749   1.00 14.48 ? 18 DA  B "C3'" 1 
ATOM   350 O  "O3'" . DA  B 1 8  ? -8.116  5.985   8.111   1.00 20.02 ? 18 DA  B "O3'" 1 
ATOM   351 C  "C2'" . DA  B 1 8  ? -9.645  4.745   6.629   1.00 13.85 ? 18 DA  B "C2'" 1 
ATOM   352 C  "C1'" . DA  B 1 8  ? -8.820  4.697   5.404   1.00 14.69 ? 18 DA  B "C1'" 1 
ATOM   353 N  N9    . DA  B 1 8  ? -9.345  3.840   4.344   1.00 14.55 ? 18 DA  B N9    1 
ATOM   354 C  C8    . DA  B 1 8  ? -10.198 2.726   4.452   1.00 14.85 ? 18 DA  B C8    1 
ATOM   355 N  N7    . DA  B 1 8  ? -10.480 2.176   3.318   1.00 13.67 ? 18 DA  B N7    1 
ATOM   356 C  C5    . DA  B 1 8  ? -9.745  2.873   2.390   1.00 14.97 ? 18 DA  B C5    1 
ATOM   357 C  C6    . DA  B 1 8  ? -9.605  2.738   0.985   1.00 10.42 ? 18 DA  B C6    1 
ATOM   358 N  N6    . DA  B 1 8  ? -10.124 1.825   0.213   1.00 9.33  ? 18 DA  B N6    1 
ATOM   359 N  N1    . DA  B 1 8  ? -8.781  3.686   0.442   1.00 14.78 ? 18 DA  B N1    1 
ATOM   360 C  C2    . DA  B 1 8  ? -8.117  4.615   1.152   1.00 11.67 ? 18 DA  B C2    1 
ATOM   361 N  N3    . DA  B 1 8  ? -8.232  4.772   2.460   1.00 13.42 ? 18 DA  B N3    1 
ATOM   362 C  C4    . DA  B 1 8  ? -9.042  3.913   3.012   1.00 11.55 ? 18 DA  B C4    1 
ATOM   363 P  P     . DT  B 1 9  ? -8.905  7.346   8.515   1.00 16.36 ? 19 DT  B P     1 
ATOM   364 O  OP1   . DT  B 1 9  ? -7.899  8.224   9.278   1.00 18.03 ? 19 DT  B OP1   1 
ATOM   365 O  OP2   . DT  B 1 9  ? -10.113 6.902   9.207   1.00 21.92 ? 19 DT  B OP2   1 
ATOM   366 O  "O5'" . DT  B 1 9  ? -9.218  8.080   7.123   1.00 15.40 ? 19 DT  B "O5'" 1 
ATOM   367 C  "C5'" . DT  B 1 9  ? -8.122  8.545   6.348   1.00 10.59 ? 19 DT  B "C5'" 1 
ATOM   368 C  "C4'" . DT  B 1 9  ? -8.751  9.070   5.066   1.00 10.77 ? 19 DT  B "C4'" 1 
ATOM   369 O  "O4'" . DT  B 1 9  ? -9.214  8.091   4.332   1.00 12.92 ? 19 DT  B "O4'" 1 
ATOM   370 C  "C3'" . DT  B 1 9  ? -9.935  9.993   5.305   1.00 18.98 ? 19 DT  B "C3'" 1 
ATOM   371 O  "O3'" . DT  B 1 9  ? -9.532  11.340  5.190   1.00 20.59 ? 19 DT  B "O3'" 1 
ATOM   372 C  "C2'" . DT  B 1 9  ? -11.023 9.576   4.350   1.00 16.64 ? 19 DT  B "C2'" 1 
ATOM   373 C  "C1'" . DT  B 1 9  ? -10.298 8.613   3.488   1.00 14.49 ? 19 DT  B "C1'" 1 
ATOM   374 N  N1    . DT  B 1 9  ? -11.055 7.431   3.148   1.00 17.16 ? 19 DT  B N1    1 
ATOM   375 C  C2    . DT  B 1 9  ? -10.991 7.031   1.807   1.00 18.68 ? 19 DT  B C2    1 
ATOM   376 O  O2    . DT  B 1 9  ? -10.333 7.636   1.014   1.00 14.71 ? 19 DT  B O2    1 
ATOM   377 N  N3    . DT  B 1 9  ? -11.685 5.897   1.376   1.00 15.52 ? 19 DT  B N3    1 
ATOM   378 C  C4    . DT  B 1 9  ? -12.423 5.189   2.280   1.00 14.74 ? 19 DT  B C4    1 
ATOM   379 O  O4    . DT  B 1 9  ? -12.961 4.162   1.827   1.00 16.34 ? 19 DT  B O4    1 
ATOM   380 C  C5    . DT  B 1 9  ? -12.489 5.617   3.638   1.00 17.30 ? 19 DT  B C5    1 
ATOM   381 C  C7    . DT  B 1 9  ? -13.264 4.894   4.660   1.00 16.46 ? 19 DT  B C7    1 
ATOM   382 C  C6    . DT  B 1 9  ? -11.817 6.723   4.021   1.00 18.33 ? 19 DT  B C6    1 
ATOM   383 P  P     . DG  B 1 10 ? -10.414 12.635  5.542   1.00 19.44 ? 20 DG  B P     1 
ATOM   384 O  OP1   . DG  B 1 10 ? -9.282  13.555  5.835   1.00 23.27 ? 20 DG  B OP1   1 
ATOM   385 O  OP2   . DG  B 1 10 ? -11.600 12.529  6.383   1.00 19.67 ? 20 DG  B OP2   1 
ATOM   386 O  "O5'" . DG  B 1 10 ? -10.973 13.188  4.096   1.00 23.67 ? 20 DG  B "O5'" 1 
ATOM   387 C  "C5'" . DG  B 1 10 ? -10.079 13.339  2.971   1.00 23.15 ? 20 DG  B "C5'" 1 
ATOM   388 C  "C4'" . DG  B 1 10 ? -10.936 13.404  1.678   1.00 19.25 ? 20 DG  B "C4'" 1 
ATOM   389 O  "O4'" . DG  B 1 10 ? -11.277 12.083  1.308   1.00 15.72 ? 20 DG  B "O4'" 1 
ATOM   390 C  "C3'" . DG  B 1 10 ? -12.231 14.226  1.819   1.00 17.38 ? 20 DG  B "C3'" 1 
ATOM   391 O  "O3'" . DG  B 1 10 ? -12.326 15.164  0.751   1.00 23.69 ? 20 DG  B "O3'" 1 
ATOM   392 C  "C2'" . DG  B 1 10 ? -13.339 13.223  1.847   1.00 17.31 ? 20 DG  B "C2'" 1 
ATOM   393 C  "C1'" . DG  B 1 10 ? -12.717 12.055  1.102   1.00 16.27 ? 20 DG  B "C1'" 1 
ATOM   394 N  N9    . DG  B 1 10 ? -13.291 10.776  1.528   1.00 15.73 ? 20 DG  B N9    1 
ATOM   395 C  C8    . DG  B 1 10 ? -13.736 10.323  2.764   1.00 14.28 ? 20 DG  B C8    1 
ATOM   396 N  N7    . DG  B 1 10 ? -14.238 9.186   2.774   1.00 16.07 ? 20 DG  B N7    1 
ATOM   397 C  C5    . DG  B 1 10 ? -14.122 8.765   1.432   1.00 16.05 ? 20 DG  B C5    1 
ATOM   398 C  C6    . DG  B 1 10 ? -14.509 7.558   0.740   1.00 14.81 ? 20 DG  B C6    1 
ATOM   399 O  O6    . DG  B 1 10 ? -15.028 6.642   1.365   1.00 16.01 ? 20 DG  B O6    1 
ATOM   400 N  N1    . DG  B 1 10 ? -14.272 7.577   -0.566  1.00 13.73 ? 20 DG  B N1    1 
ATOM   401 C  C2    . DG  B 1 10 ? -13.731 8.623   -1.243  1.00 13.65 ? 20 DG  B C2    1 
ATOM   402 N  N2    . DG  B 1 10 ? -13.527 8.568   -2.602  1.00 12.23 ? 20 DG  B N2    1 
ATOM   403 N  N3    . DG  B 1 10 ? -13.324 9.731   -0.659  1.00 16.66 ? 20 DG  B N3    1 
ATOM   404 C  C4    . DG  B 1 10 ? -13.562 9.741   0.668   1.00 12.10 ? 20 DG  B C4    1 
HETATM 405 O  O1    . DIM C 2 .  ? 1.333   -2.847  6.057   1.00 40.36 ? 21 DIM A O1    1 
HETATM 406 C  C1    . DIM C 2 .  ? 1.409   -3.219  4.872   1.00 45.50 ? 21 DIM A C1    1 
HETATM 407 N  N1    . DIM C 2 .  ? 2.456   -3.768  4.359   1.00 39.21 ? 21 DIM A N1    1 
HETATM 408 C  C2    . DIM C 2 .  ? 2.515   -5.150  4.207   1.00 40.11 ? 21 DIM A C2    1 
HETATM 409 N  N2    . DIM C 2 .  ? 3.294   -5.636  3.207   1.00 31.64 ? 21 DIM A N2    1 
HETATM 410 C  C3    . DIM C 2 .  ? 3.161   -7.010  3.276   1.00 30.03 ? 21 DIM A C3    1 
HETATM 411 N  N3    . DIM C 2 .  ? 2.374   -7.359  4.323   1.00 33.34 ? 21 DIM A N3    1 
HETATM 412 C  C4    . DIM C 2 .  ? 1.947   -6.196  4.910   1.00 38.56 ? 21 DIM A C4    1 
HETATM 413 C  C5    . DIM C 2 .  ? 2.020   -8.719  4.779   1.00 26.86 ? 21 DIM A C5    1 
HETATM 414 C  C6    . DIM C 2 .  ? 3.781   -7.995  2.353   1.00 28.59 ? 21 DIM A C6    1 
HETATM 415 O  O2    . DIM C 2 .  ? 3.377   -9.152  2.331   1.00 37.51 ? 21 DIM A O2    1 
HETATM 416 N  N4    . DIM C 2 .  ? 4.743   -7.580  1.607   1.00 17.58 ? 21 DIM A N4    1 
HETATM 417 C  C7    . DIM C 2 .  ? 5.499   -8.116  0.566   1.00 25.92 ? 21 DIM A C7    1 
HETATM 418 N  N5    . DIM C 2 .  ? 6.606   -7.521  -0.124  1.00 27.72 ? 21 DIM A N5    1 
HETATM 419 C  C8    . DIM C 2 .  ? 6.885   -8.466  -1.107  1.00 27.03 ? 21 DIM A C8    1 
HETATM 420 N  N6    . DIM C 2 .  ? 6.010   -9.552  -1.098  1.00 31.47 ? 21 DIM A N6    1 
HETATM 421 C  C9    . DIM C 2 .  ? 5.191   -9.302  -0.071  1.00 28.04 ? 21 DIM A C9    1 
HETATM 422 C  C10   . DIM C 2 .  ? 5.850   -10.796 -1.872  1.00 26.02 ? 21 DIM A C10   1 
HETATM 423 C  C11   . DIM C 2 .  ? 7.970   -8.421  -2.089  1.00 29.06 ? 21 DIM A C11   1 
HETATM 424 O  O3    . DIM C 2 .  ? 7.898   -9.362  -2.906  1.00 33.03 ? 21 DIM A O3    1 
HETATM 425 N  N7    . DIM C 2 .  ? 8.784   -7.414  -1.892  1.00 32.28 ? 21 DIM A N7    1 
HETATM 426 C  C12   . DIM C 2 .  ? 10.002  -7.029  -2.728  1.00 36.07 ? 21 DIM A C12   1 
HETATM 427 C  C13   . DIM C 2 .  ? 9.782   -5.848  -3.616  1.00 37.10 ? 21 DIM A C13   1 
HETATM 428 C  C14   . DIM C 2 .  ? 11.018  -5.472  -4.418  1.00 43.28 ? 21 DIM A C14   1 
HETATM 429 N  N9    . DIM C 2 .  ? 11.292  -6.022  -5.577  1.00 50.95 ? 21 DIM A N9    1 
HETATM 430 N  N8    . DIM C 2 .  ? 11.889  -4.600  -3.993  1.00 41.35 ? 21 DIM A N8    1 
HETATM 431 CA CA    . CA  D 3 .  ? 9.083   -1.533  9.614   1.00 35.33 ? 23 CA  A CA    1 
HETATM 432 O  O1    . DIM E 2 .  ? 3.781   -8.845  -2.947  1.00 22.28 ? 22 DIM B O1    1 
HETATM 433 C  C1    . DIM E 2 .  ? 3.725   -7.648  -2.839  1.00 27.64 ? 22 DIM B C1    1 
HETATM 434 N  N1    . DIM E 2 .  ? 3.138   -6.921  -1.962  1.00 25.54 ? 22 DIM B N1    1 
HETATM 435 C  C2    . DIM E 2 .  ? 2.276   -7.326  -1.000  1.00 26.98 ? 22 DIM B C2    1 
HETATM 436 N  N2    . DIM E 2 .  ? 1.724   -6.464  -0.082  1.00 26.19 ? 22 DIM B N2    1 
HETATM 437 C  C3    . DIM E 2 .  ? 0.949   -7.254  0.739   1.00 29.61 ? 22 DIM B C3    1 
HETATM 438 N  N3    . DIM E 2 .  ? 0.980   -8.536  0.410   1.00 27.11 ? 22 DIM B N3    1 
HETATM 439 C  C4    . DIM E 2 .  ? 1.813   -8.602  -0.718  1.00 31.79 ? 22 DIM B C4    1 
HETATM 440 C  C5    . DIM E 2 .  ? 0.329   -9.761  0.942   1.00 18.69 ? 22 DIM B C5    1 
HETATM 441 C  C6    . DIM E 2 .  ? 0.115   -6.845  1.915   1.00 40.78 ? 22 DIM B C6    1 
HETATM 442 O  O2    . DIM E 2 .  ? -0.344  -7.700  2.662   1.00 42.69 ? 22 DIM B O2    1 
HETATM 443 N  N4    . DIM E 2 .  ? -0.036  -5.537  2.010   1.00 39.79 ? 22 DIM B N4    1 
HETATM 444 C  C7    . DIM E 2 .  ? -0.803  -4.989  3.093   1.00 38.91 ? 22 DIM B C7    1 
HETATM 445 N  N5    . DIM E 2 .  ? -1.055  -3.601  3.063   1.00 38.27 ? 22 DIM B N5    1 
HETATM 446 C  C8    . DIM E 2 .  ? -1.806  -3.353  4.198   1.00 33.66 ? 22 DIM B C8    1 
HETATM 447 N  N6    . DIM E 2 .  ? -2.007  -4.535  4.933   1.00 41.24 ? 22 DIM B N6    1 
HETATM 448 C  C9    . DIM E 2 .  ? -1.383  -5.521  4.224   1.00 36.93 ? 22 DIM B C9    1 
HETATM 449 C  C10   . DIM E 2 .  ? -2.716  -4.666  6.192   1.00 24.17 ? 22 DIM B C10   1 
HETATM 450 C  C11   . DIM E 2 .  ? -2.284  -2.063  4.631   1.00 37.72 ? 22 DIM B C11   1 
HETATM 451 O  O3    . DIM E 2 .  ? -2.813  -1.894  5.708   1.00 39.83 ? 22 DIM B O3    1 
HETATM 452 N  N7    . DIM E 2 .  ? -2.034  -1.119  3.701   1.00 30.26 ? 22 DIM B N7    1 
HETATM 453 C  C12   . DIM E 2 .  ? -2.399  0.286   3.986   1.00 40.64 ? 22 DIM B C12   1 
HETATM 454 C  C13   . DIM E 2 .  ? -3.735  0.810   3.702   1.00 40.23 ? 22 DIM B C13   1 
HETATM 455 C  C14   . DIM E 2 .  ? -3.979  2.267   4.202   1.00 45.52 ? 22 DIM B C14   1 
HETATM 456 N  N9    . DIM E 2 .  ? -4.970  3.061   3.891   1.00 38.81 ? 22 DIM B N9    1 
HETATM 457 N  N8    . DIM E 2 .  ? -3.091  2.752   5.086   1.00 43.33 ? 22 DIM B N8    1 
HETATM 458 O  O     . HOH F 4 .  ? 0.113   1.833   -5.779  1.00 31.97 ? 24 HOH A O     1 
HETATM 459 O  O     . HOH F 4 .  ? -4.491  2.035   -5.816  1.00 15.86 ? 26 HOH A O     1 
HETATM 460 O  O     . HOH F 4 .  ? -7.090  3.347   -8.103  1.00 16.67 ? 28 HOH A O     1 
HETATM 461 O  O     . HOH F 4 .  ? -15.746 -0.353  -2.331  1.00 41.78 ? 34 HOH A O     1 
HETATM 462 O  O     . HOH F 4 .  ? 6.604   3.970   -0.419  1.00 29.82 ? 35 HOH A O     1 
HETATM 463 O  O     . HOH F 4 .  ? -4.560  3.945   -8.577  1.00 27.38 ? 36 HOH A O     1 
HETATM 464 O  O     . HOH F 4 .  ? 9.932   0.811   4.783   1.00 31.87 ? 37 HOH A O     1 
HETATM 465 O  O     . HOH F 4 .  ? -10.624 0.916   -8.086  1.00 42.01 ? 38 HOH A O     1 
HETATM 466 O  O     . HOH F 4 .  ? 9.250   3.890   8.447   1.00 47.57 ? 39 HOH A O     1 
HETATM 467 O  O     . HOH F 4 .  ? 9.176   -5.909  9.018   1.00 28.07 ? 40 HOH A O     1 
HETATM 468 O  O     . HOH F 4 .  ? -2.143  3.688   -6.178  1.00 36.83 ? 41 HOH A O     1 
HETATM 469 O  O     . HOH F 4 .  ? 1.489   1.696   10.561  1.00 33.62 ? 42 HOH A O     1 
HETATM 470 O  O     . HOH F 4 .  ? 12.102  -9.651  5.292   1.00 54.31 ? 45 HOH A O     1 
HETATM 471 O  O     . HOH F 4 .  ? -0.424  -0.963  7.214   1.00 41.84 ? 46 HOH A O     1 
HETATM 472 O  O     . HOH F 4 .  ? 5.013   -4.102  13.787  1.00 31.31 ? 48 HOH A O     1 
HETATM 473 O  O     . HOH F 4 .  ? -13.713 0.128   -6.784  1.00 35.43 ? 49 HOH A O     1 
HETATM 474 O  O     . HOH F 4 .  ? 6.722   -5.844  11.540  1.00 37.05 ? 54 HOH A O     1 
HETATM 475 O  O     . HOH F 4 .  ? 4.568   7.069   2.395   1.00 30.77 ? 56 HOH A O     1 
HETATM 476 O  O     . HOH F 4 .  ? 7.265   -8.684  10.207  1.00 31.31 ? 58 HOH A O     1 
HETATM 477 O  O     . HOH F 4 .  ? -10.613 -0.349  -2.697  1.00 25.41 ? 59 HOH A O     1 
HETATM 478 O  O     . HOH F 4 .  ? -10.208 3.751   -12.080 1.00 36.03 ? 60 HOH A O     1 
HETATM 479 O  O     . HOH F 4 .  ? 0.825   -6.102  8.106   1.00 45.21 ? 63 HOH A O     1 
HETATM 480 O  O     . HOH F 4 .  ? -4.375  7.972   0.663   1.00 24.05 ? 64 HOH A O     1 
HETATM 481 O  O     . HOH F 4 .  ? 7.379   2.464   5.936   1.00 39.33 ? 65 HOH A O     1 
HETATM 482 O  O     . HOH F 4 .  ? 10.465  -10.410 -4.995  1.00 38.21 ? 66 HOH A O     1 
HETATM 483 O  O     . HOH F 4 .  ? 4.468   5.152   -2.343  1.00 37.85 ? 67 HOH A O     1 
HETATM 484 O  O     . HOH F 4 .  ? -15.649 8.465   -5.307  1.00 30.57 ? 69 HOH A O     1 
HETATM 485 O  O     . HOH F 4 .  ? 12.562  -1.604  5.416   1.00 45.83 ? 71 HOH A O     1 
HETATM 486 O  O     . HOH F 4 .  ? -9.094  8.647   -3.822  1.00 43.82 ? 73 HOH A O     1 
HETATM 487 O  O     . HOH F 4 .  ? 3.060   -11.845 3.102   1.00 46.36 ? 75 HOH A O     1 
HETATM 488 O  O     . HOH F 4 .  ? 7.941   4.724   2.961   1.00 39.49 ? 76 HOH A O     1 
HETATM 489 O  O     . HOH F 4 .  ? -2.550  5.648   2.833   1.00 34.44 ? 80 HOH A O     1 
HETATM 490 O  O     . HOH F 4 .  ? 9.440   -1.480  7.045   1.00 21.69 ? 82 HOH A O     1 
HETATM 491 O  O     . HOH F 4 .  ? 7.706   0.303   8.494   1.00 31.53 ? 83 HOH A O     1 
HETATM 492 O  O     . HOH F 4 .  ? 10.547  -3.563  9.289   1.00 33.86 ? 84 HOH A O     1 
HETATM 493 O  O     . HOH F 4 .  ? 8.283   -1.965  11.920  1.00 28.43 ? 85 HOH A O     1 
HETATM 494 O  O     . HOH G 4 .  ? -6.321  -5.350  -2.143  1.00 23.70 ? 25 HOH B O     1 
HETATM 495 O  O     . HOH G 4 .  ? 10.160  1.752   1.503   1.00 36.52 ? 27 HOH B O     1 
HETATM 496 O  O     . HOH G 4 .  ? -6.050  -0.142  -6.118  1.00 19.52 ? 29 HOH B O     1 
HETATM 497 O  O     . HOH G 4 .  ? -7.196  -1.513  -4.144  1.00 19.84 ? 30 HOH B O     1 
HETATM 498 O  O     . HOH G 4 .  ? -16.970 6.130   3.196   1.00 17.28 ? 31 HOH B O     1 
HETATM 499 O  O     . HOH G 4 .  ? -2.006  -4.868  -7.156  1.00 28.16 ? 32 HOH B O     1 
HETATM 500 O  O     . HOH G 4 .  ? -3.671  -1.693  -6.241  1.00 19.57 ? 33 HOH B O     1 
HETATM 501 O  O     . HOH G 4 .  ? -9.260  -3.418  7.195   1.00 47.08 ? 43 HOH B O     1 
HETATM 502 O  O     . HOH G 4 .  ? 15.223  -1.369  5.607   1.00 24.27 ? 44 HOH B O     1 
HETATM 503 O  O     . HOH G 4 .  ? 8.485   1.962   -5.793  1.00 29.96 ? 47 HOH B O     1 
HETATM 504 O  O     . HOH G 4 .  ? -12.344 6.863   7.206   1.00 35.41 ? 50 HOH B O     1 
HETATM 505 O  O     . HOH G 4 .  ? 6.119   -5.831  -4.048  1.00 18.32 ? 51 HOH B O     1 
HETATM 506 O  O     . HOH G 4 .  ? 2.383   0.498   -5.505  1.00 33.39 ? 52 HOH B O     1 
HETATM 507 O  O     . HOH G 4 .  ? 12.452  3.383   -3.405  1.00 37.10 ? 53 HOH B O     1 
HETATM 508 O  O     . HOH G 4 .  ? -6.236  -5.460  8.156   1.00 42.07 ? 55 HOH B O     1 
HETATM 509 O  O     . HOH G 4 .  ? -6.139  6.143   3.533   1.00 26.88 ? 57 HOH B O     1 
HETATM 510 O  O     . HOH G 4 .  ? -10.705 11.593  -2.202  1.00 41.29 ? 61 HOH B O     1 
HETATM 511 O  O     . HOH G 4 .  ? 11.104  -4.892  -10.087 1.00 35.97 ? 62 HOH B O     1 
HETATM 512 O  O     . HOH G 4 .  ? 0.132   -0.832  -6.156  1.00 34.48 ? 68 HOH B O     1 
HETATM 513 O  O     . HOH G 4 .  ? 16.716  3.859   1.460   1.00 40.73 ? 70 HOH B O     1 
HETATM 514 O  O     . HOH G 4 .  ? -11.651 -0.387  1.284   1.00 38.08 ? 72 HOH B O     1 
HETATM 515 O  O     . HOH G 4 .  ? -4.950  -11.042 2.288   1.00 42.24 ? 74 HOH B O     1 
HETATM 516 O  O     . HOH G 4 .  ? 4.895   1.592   -4.388  1.00 35.45 ? 77 HOH B O     1 
HETATM 517 O  O     . HOH G 4 .  ? -1.881  -0.172  -7.930  1.00 41.46 ? 78 HOH B O     1 
HETATM 518 O  O     . HOH G 4 .  ? -0.061  -3.213  -8.203  1.00 48.40 ? 79 HOH B O     1 
HETATM 519 O  O     . HOH G 4 .  ? -8.469  -3.703  -0.609  1.00 48.82 ? 81 HOH B O     1 
# 
